data_2RLW
#
_entry.id   2RLW
#
_entity_poly.entity_id   1
_entity_poly.type   'polypeptide(L)'
_entity_poly.pdbx_seq_one_letter_code
;VFHAYSARGVRNNYKSAVGPADWVISAVRGFIHG
;
_entity_poly.pdbx_strand_id   A
#
# COMPACT_ATOMS: atom_id res chain seq x y z
N VAL A 1 17.75 9.68 -12.28
CA VAL A 1 16.91 10.60 -13.04
C VAL A 1 15.96 11.33 -12.08
N PHE A 2 15.35 12.38 -12.59
CA PHE A 2 14.42 13.17 -11.80
C PHE A 2 13.47 13.96 -12.70
N HIS A 3 12.82 13.22 -13.59
CA HIS A 3 11.87 13.84 -14.51
C HIS A 3 11.22 12.75 -15.38
N ALA A 4 12.03 11.78 -15.75
CA ALA A 4 11.54 10.69 -16.57
C ALA A 4 10.53 9.86 -15.77
N TYR A 5 10.57 10.06 -14.46
CA TYR A 5 9.67 9.33 -13.57
C TYR A 5 8.25 9.89 -13.66
N SER A 6 7.35 9.26 -12.91
CA SER A 6 5.96 9.68 -12.90
C SER A 6 5.35 9.44 -11.51
N ALA A 7 5.37 10.49 -10.71
CA ALA A 7 4.83 10.41 -9.37
C ALA A 7 3.35 10.02 -9.44
N ARG A 8 2.70 10.50 -10.48
CA ARG A 8 1.29 10.21 -10.69
C ARG A 8 1.09 8.72 -10.94
N GLY A 9 2.18 8.04 -11.21
CA GLY A 9 2.15 6.60 -11.47
C GLY A 9 2.69 5.82 -10.29
N VAL A 10 3.66 6.42 -9.60
CA VAL A 10 4.27 5.78 -8.45
C VAL A 10 3.22 5.64 -7.34
N ARG A 11 2.55 6.75 -7.06
CA ARG A 11 1.53 6.78 -6.03
C ARG A 11 0.34 5.90 -6.44
N ASN A 12 -0.01 5.99 -7.72
CA ASN A 12 -1.12 5.21 -8.24
C ASN A 12 -0.83 3.72 -8.05
N ASN A 13 0.45 3.42 -7.90
CA ASN A 13 0.87 2.04 -7.71
C ASN A 13 0.90 1.72 -6.22
N TYR A 14 0.89 2.78 -5.41
CA TYR A 14 0.92 2.62 -3.97
C TYR A 14 -0.48 2.32 -3.43
N LYS A 15 -1.46 3.05 -3.94
CA LYS A 15 -2.84 2.85 -3.52
C LYS A 15 -3.25 1.40 -3.76
N SER A 16 -2.48 0.74 -4.62
CA SER A 16 -2.75 -0.66 -4.93
C SER A 16 -2.35 -1.55 -3.75
N ALA A 17 -1.13 -1.35 -3.29
CA ALA A 17 -0.61 -2.13 -2.17
C ALA A 17 -1.44 -1.82 -0.92
N VAL A 18 -2.23 -0.77 -1.02
CA VAL A 18 -3.07 -0.35 0.09
C VAL A 18 -4.30 -1.28 0.16
N GLY A 19 -4.71 -1.76 -1.01
CA GLY A 19 -5.86 -2.63 -1.09
C GLY A 19 -5.69 -3.85 -0.18
N PRO A 20 -4.58 -4.59 -0.43
CA PRO A 20 -4.29 -5.79 0.36
C PRO A 20 -3.77 -5.40 1.75
N ALA A 21 -3.19 -4.21 1.83
CA ALA A 21 -2.65 -3.72 3.09
C ALA A 21 -3.74 -3.79 4.16
N ASP A 22 -4.98 -3.77 3.71
CA ASP A 22 -6.12 -3.82 4.61
C ASP A 22 -6.21 -5.25 5.20
N TRP A 23 -5.86 -6.21 4.37
CA TRP A 23 -5.90 -7.61 4.80
C TRP A 23 -4.76 -7.83 5.79
N VAL A 24 -3.57 -7.43 5.37
CA VAL A 24 -2.39 -7.58 6.22
C VAL A 24 -2.63 -6.88 7.56
N ILE A 25 -3.04 -5.63 7.46
CA ILE A 25 -3.30 -4.84 8.66
C ILE A 25 -4.49 -5.45 9.41
N SER A 26 -5.41 -6.01 8.65
CA SER A 26 -6.59 -6.63 9.23
C SER A 26 -6.19 -7.89 10.01
N ALA A 27 -5.20 -8.60 9.47
CA ALA A 27 -4.72 -9.81 10.10
C ALA A 27 -3.96 -9.44 11.38
N VAL A 28 -3.33 -8.28 11.34
CA VAL A 28 -2.56 -7.81 12.48
C VAL A 28 -3.52 -7.45 13.62
N ARG A 29 -4.49 -6.62 13.29
CA ARG A 29 -5.48 -6.19 14.27
C ARG A 29 -6.42 -7.35 14.62
N GLY A 30 -6.55 -8.26 13.67
CA GLY A 30 -7.41 -9.42 13.87
C GLY A 30 -6.77 -10.42 14.85
N PHE A 31 -5.46 -10.53 14.76
CA PHE A 31 -4.73 -11.43 15.63
C PHE A 31 -4.53 -10.82 17.02
N ILE A 32 -4.50 -9.50 17.05
CA ILE A 32 -4.32 -8.79 18.30
C ILE A 32 -5.43 -9.20 19.28
N HIS A 33 -6.64 -9.31 18.75
CA HIS A 33 -7.78 -9.69 19.56
C HIS A 33 -7.81 -11.21 19.71
N GLY A 34 -7.02 -11.87 18.88
CA GLY A 34 -6.95 -13.33 18.93
C GLY A 34 -6.59 -13.82 20.32
N VAL A 1 18.25 12.19 -13.88
CA VAL A 1 17.19 12.15 -14.87
C VAL A 1 16.29 13.37 -14.69
N PHE A 2 15.20 13.38 -15.45
CA PHE A 2 14.25 14.48 -15.38
C PHE A 2 12.96 14.14 -16.13
N HIS A 3 12.54 12.89 -15.99
CA HIS A 3 11.34 12.42 -16.64
C HIS A 3 11.06 10.96 -16.24
N ALA A 4 12.13 10.20 -16.14
CA ALA A 4 12.03 8.80 -15.76
C ALA A 4 11.16 8.68 -14.51
N TYR A 5 11.44 9.54 -13.55
CA TYR A 5 10.70 9.55 -12.30
C TYR A 5 9.28 10.06 -12.51
N SER A 6 8.38 9.56 -11.66
CA SER A 6 6.98 9.96 -11.74
C SER A 6 6.28 9.69 -10.42
N ALA A 7 6.23 10.73 -9.59
CA ALA A 7 5.60 10.62 -8.29
C ALA A 7 4.13 10.21 -8.47
N ARG A 8 3.55 10.71 -9.54
CA ARG A 8 2.16 10.42 -9.85
C ARG A 8 1.98 8.92 -10.15
N GLY A 9 3.11 8.26 -10.36
CA GLY A 9 3.10 6.83 -10.65
C GLY A 9 3.57 6.02 -9.44
N VAL A 10 4.49 6.62 -8.69
CA VAL A 10 5.02 5.97 -7.51
C VAL A 10 3.91 5.80 -6.47
N ARG A 11 3.21 6.89 -6.21
CA ARG A 11 2.12 6.88 -5.25
C ARG A 11 0.98 6.00 -5.76
N ASN A 12 0.71 6.12 -7.05
CA ASN A 12 -0.36 5.35 -7.67
C ASN A 12 -0.07 3.87 -7.50
N ASN A 13 1.19 3.57 -7.26
CA ASN A 13 1.61 2.18 -7.08
C ASN A 13 1.54 1.83 -5.60
N TYR A 14 1.48 2.87 -4.78
CA TYR A 14 1.40 2.69 -3.33
C TYR A 14 -0.03 2.36 -2.89
N LYS A 15 -0.97 3.09 -3.46
CA LYS A 15 -2.37 2.90 -3.13
C LYS A 15 -2.76 1.44 -3.43
N SER A 16 -1.93 0.80 -4.24
CA SER A 16 -2.17 -0.58 -4.61
C SER A 16 -1.85 -1.50 -3.43
N ALA A 17 -0.66 -1.31 -2.88
CA ALA A 17 -0.22 -2.11 -1.76
C ALA A 17 -1.12 -1.84 -0.55
N VAL A 18 -1.91 -0.78 -0.68
CA VAL A 18 -2.83 -0.41 0.38
C VAL A 18 -4.05 -1.33 0.34
N GLY A 19 -4.38 -1.78 -0.85
CA GLY A 19 -5.52 -2.66 -1.05
C GLY A 19 -5.40 -3.90 -0.15
N PRO A 20 -4.27 -4.63 -0.33
CA PRO A 20 -4.03 -5.84 0.45
C PRO A 20 -3.61 -5.49 1.88
N ALA A 21 -3.04 -4.30 2.02
CA ALA A 21 -2.59 -3.84 3.32
C ALA A 21 -3.74 -3.94 4.32
N ASP A 22 -4.96 -3.90 3.79
CA ASP A 22 -6.14 -4.00 4.60
C ASP A 22 -6.28 -5.41 5.15
N TRP A 23 -5.86 -6.37 4.33
CA TRP A 23 -5.92 -7.77 4.72
C TRP A 23 -4.84 -8.02 5.79
N VAL A 24 -3.63 -7.60 5.46
CA VAL A 24 -2.51 -7.77 6.37
C VAL A 24 -2.85 -7.11 7.71
N ILE A 25 -3.25 -5.84 7.61
CA ILE A 25 -3.60 -5.09 8.81
C ILE A 25 -4.82 -5.72 9.47
N SER A 26 -5.70 -6.27 8.63
CA SER A 26 -6.90 -6.90 9.12
C SER A 26 -6.55 -8.17 9.90
N ALA A 27 -5.53 -8.86 9.40
CA ALA A 27 -5.09 -10.09 10.04
C ALA A 27 -4.42 -9.76 11.37
N VAL A 28 -3.78 -8.60 11.40
CA VAL A 28 -3.10 -8.15 12.61
C VAL A 28 -4.13 -7.82 13.68
N ARG A 29 -5.08 -6.98 13.31
CA ARG A 29 -6.13 -6.57 14.23
C ARG A 29 -7.08 -7.75 14.49
N GLY A 30 -7.16 -8.64 13.51
CA GLY A 30 -8.02 -9.80 13.63
C GLY A 30 -7.45 -10.82 14.62
N PHE A 31 -6.13 -10.92 14.62
CA PHE A 31 -5.45 -11.84 15.52
C PHE A 31 -5.35 -11.27 16.92
N ILE A 32 -5.33 -9.94 17.00
CA ILE A 32 -5.24 -9.26 18.27
C ILE A 32 -6.40 -9.70 19.16
N HIS A 33 -7.57 -9.80 18.55
CA HIS A 33 -8.76 -10.20 19.27
C HIS A 33 -8.80 -11.74 19.39
N GLY A 34 -7.95 -12.37 18.60
CA GLY A 34 -7.87 -13.83 18.61
C GLY A 34 -6.81 -14.31 19.60
N VAL A 1 13.19 11.58 -11.79
CA VAL A 1 13.69 10.26 -11.50
C VAL A 1 13.14 9.27 -12.52
N PHE A 2 13.65 8.05 -12.47
CA PHE A 2 13.21 7.02 -13.39
C PHE A 2 11.98 6.28 -12.85
N HIS A 3 11.36 6.91 -11.86
CA HIS A 3 10.17 6.33 -11.24
C HIS A 3 9.63 7.30 -10.19
N ALA A 4 10.55 7.92 -9.47
CA ALA A 4 10.18 8.87 -8.42
C ALA A 4 9.50 10.08 -9.05
N TYR A 5 9.82 10.30 -10.32
CA TYR A 5 9.25 11.42 -11.05
C TYR A 5 7.74 11.26 -11.22
N SER A 6 7.15 12.20 -11.94
CA SER A 6 5.72 12.17 -12.17
C SER A 6 4.99 11.76 -10.90
N ALA A 7 4.62 12.76 -10.11
CA ALA A 7 3.91 12.51 -8.87
C ALA A 7 2.61 11.77 -9.16
N ARG A 8 2.02 12.11 -10.31
CA ARG A 8 0.77 11.49 -10.71
C ARG A 8 0.98 9.98 -10.95
N GLY A 9 2.25 9.60 -11.03
CA GLY A 9 2.60 8.22 -11.27
C GLY A 9 3.13 7.56 -9.99
N VAL A 10 3.78 8.38 -9.18
CA VAL A 10 4.34 7.90 -7.93
C VAL A 10 3.21 7.51 -6.97
N ARG A 11 2.26 8.43 -6.83
CA ARG A 11 1.12 8.20 -5.96
C ARG A 11 0.25 7.07 -6.51
N ASN A 12 0.08 7.08 -7.83
CA ASN A 12 -0.73 6.08 -8.49
C ASN A 12 -0.13 4.69 -8.22
N ASN A 13 1.15 4.70 -7.88
CA ASN A 13 1.85 3.46 -7.58
C ASN A 13 1.73 3.15 -6.09
N TYR A 14 1.35 4.17 -5.33
CA TYR A 14 1.20 4.01 -3.90
C TYR A 14 -0.15 3.38 -3.56
N LYS A 15 -1.19 3.86 -4.23
CA LYS A 15 -2.53 3.35 -4.01
C LYS A 15 -2.55 1.84 -4.27
N SER A 16 -1.53 1.38 -4.98
CA SER A 16 -1.42 -0.03 -5.30
C SER A 16 -1.00 -0.81 -4.05
N ALA A 17 0.06 -0.34 -3.42
CA ALA A 17 0.57 -0.99 -2.23
C ALA A 17 -0.48 -0.90 -1.11
N VAL A 18 -1.47 -0.05 -1.35
CA VAL A 18 -2.54 0.15 -0.38
C VAL A 18 -3.51 -1.04 -0.47
N GLY A 19 -3.63 -1.58 -1.67
CA GLY A 19 -4.51 -2.70 -1.90
C GLY A 19 -4.20 -3.85 -0.94
N PRO A 20 -2.93 -4.32 -1.00
CA PRO A 20 -2.49 -5.42 -0.15
C PRO A 20 -2.28 -4.93 1.29
N ALA A 21 -2.01 -3.65 1.42
CA ALA A 21 -1.80 -3.06 2.73
C ALA A 21 -2.98 -3.38 3.64
N ASP A 22 -4.12 -3.65 3.01
CA ASP A 22 -5.33 -3.97 3.74
C ASP A 22 -5.17 -5.37 4.34
N TRP A 23 -4.49 -6.23 3.61
CA TRP A 23 -4.27 -7.59 4.06
C TRP A 23 -3.26 -7.56 5.21
N VAL A 24 -2.15 -6.89 4.96
CA VAL A 24 -1.11 -6.77 5.96
C VAL A 24 -1.70 -6.16 7.24
N ILE A 25 -2.37 -5.03 7.06
CA ILE A 25 -2.98 -4.34 8.18
C ILE A 25 -4.08 -5.22 8.77
N SER A 26 -4.73 -5.96 7.89
CA SER A 26 -5.81 -6.85 8.32
C SER A 26 -5.25 -7.98 9.18
N ALA A 27 -4.06 -8.43 8.80
CA ALA A 27 -3.40 -9.51 9.53
C ALA A 27 -2.95 -8.99 10.89
N VAL A 28 -2.59 -7.72 10.92
CA VAL A 28 -2.13 -7.08 12.14
C VAL A 28 -3.30 -6.97 13.12
N ARG A 29 -4.39 -6.38 12.63
CA ARG A 29 -5.57 -6.20 13.44
C ARG A 29 -6.26 -7.55 13.69
N GLY A 30 -6.05 -8.47 12.75
CA GLY A 30 -6.63 -9.78 12.86
C GLY A 30 -5.93 -10.61 13.94
N PHE A 31 -4.63 -10.42 14.05
CA PHE A 31 -3.84 -11.13 15.04
C PHE A 31 -4.01 -10.50 16.42
N ILE A 32 -4.28 -9.21 16.43
CA ILE A 32 -4.47 -8.49 17.67
C ILE A 32 -5.57 -9.15 18.50
N HIS A 33 -6.63 -9.53 17.79
CA HIS A 33 -7.76 -10.18 18.44
C HIS A 33 -7.46 -11.66 18.63
N GLY A 34 -6.43 -12.12 17.95
CA GLY A 34 -6.02 -13.51 18.02
C GLY A 34 -4.97 -13.85 16.97
N VAL A 1 12.06 9.97 -5.40
CA VAL A 1 11.76 9.43 -6.71
C VAL A 1 12.78 9.96 -7.73
N PHE A 2 13.20 9.08 -8.61
CA PHE A 2 14.16 9.45 -9.63
C PHE A 2 14.22 8.39 -10.75
N HIS A 3 13.04 7.96 -11.17
CA HIS A 3 12.93 6.96 -12.22
C HIS A 3 11.46 6.71 -12.54
N ALA A 4 10.64 6.71 -11.51
CA ALA A 4 9.22 6.49 -11.66
C ALA A 4 8.60 7.69 -12.38
N TYR A 5 9.07 8.86 -12.02
CA TYR A 5 8.58 10.09 -12.62
C TYR A 5 7.05 10.13 -12.60
N SER A 6 6.51 11.19 -13.20
CA SER A 6 5.07 11.36 -13.26
C SER A 6 4.44 11.02 -11.89
N ALA A 7 4.27 12.06 -11.09
CA ALA A 7 3.68 11.89 -9.77
C ALA A 7 2.30 11.28 -9.91
N ARG A 8 1.62 11.66 -10.97
CA ARG A 8 0.28 11.16 -11.23
C ARG A 8 0.32 9.65 -11.51
N GLY A 9 1.52 9.17 -11.78
CA GLY A 9 1.72 7.76 -12.07
C GLY A 9 2.33 7.03 -10.88
N VAL A 10 3.15 7.77 -10.13
CA VAL A 10 3.80 7.22 -8.96
C VAL A 10 2.75 6.93 -7.89
N ARG A 11 1.92 7.93 -7.62
CA ARG A 11 0.87 7.81 -6.63
C ARG A 11 -0.16 6.76 -7.06
N ASN A 12 -0.47 6.79 -8.36
CA ASN A 12 -1.43 5.86 -8.91
C ASN A 12 -0.93 4.43 -8.69
N ASN A 13 0.36 4.31 -8.49
CA ASN A 13 0.98 3.01 -8.27
C ASN A 13 1.01 2.72 -6.77
N TYR A 14 0.81 3.76 -5.99
CA TYR A 14 0.81 3.63 -4.55
C TYR A 14 -0.54 3.11 -4.04
N LYS A 15 -1.60 3.68 -4.60
CA LYS A 15 -2.95 3.30 -4.22
C LYS A 15 -3.13 1.80 -4.45
N SER A 16 -2.24 1.25 -5.28
CA SER A 16 -2.29 -0.17 -5.59
C SER A 16 -1.80 -0.99 -4.39
N ALA A 17 -0.64 -0.60 -3.89
CA ALA A 17 -0.06 -1.29 -2.75
C ALA A 17 -0.96 -1.10 -1.53
N VAL A 18 -1.90 -0.17 -1.65
CA VAL A 18 -2.84 0.11 -0.58
C VAL A 18 -3.91 -0.97 -0.55
N GLY A 19 -4.20 -1.51 -1.72
CA GLY A 19 -5.21 -2.55 -1.83
C GLY A 19 -4.90 -3.72 -0.91
N PRO A 20 -3.68 -4.30 -1.10
CA PRO A 20 -3.24 -5.42 -0.28
C PRO A 20 -2.84 -4.96 1.12
N ALA A 21 -2.44 -3.70 1.20
CA ALA A 21 -2.03 -3.12 2.47
C ALA A 21 -3.13 -3.35 3.51
N ASP A 22 -4.35 -3.51 3.02
CA ASP A 22 -5.49 -3.73 3.87
C ASP A 22 -5.40 -5.14 4.49
N TRP A 23 -4.87 -6.06 3.68
CA TRP A 23 -4.73 -7.43 4.12
C TRP A 23 -3.60 -7.48 5.16
N VAL A 24 -2.46 -6.91 4.77
CA VAL A 24 -1.31 -6.88 5.65
C VAL A 24 -1.69 -6.21 6.98
N ILE A 25 -2.28 -5.03 6.85
CA ILE A 25 -2.71 -4.29 8.03
C ILE A 25 -3.81 -5.07 8.75
N SER A 26 -4.61 -5.77 7.96
CA SER A 26 -5.70 -6.55 8.52
C SER A 26 -5.14 -7.73 9.33
N ALA A 27 -4.05 -8.28 8.82
CA ALA A 27 -3.42 -9.40 9.49
C ALA A 27 -2.75 -8.92 10.78
N VAL A 28 -2.29 -7.68 10.74
CA VAL A 28 -1.65 -7.09 11.90
C VAL A 28 -2.69 -6.87 13.01
N ARG A 29 -3.77 -6.20 12.64
CA ARG A 29 -4.84 -5.92 13.58
C ARG A 29 -5.59 -7.20 13.92
N GLY A 30 -5.57 -8.13 12.97
CA GLY A 30 -6.25 -9.39 13.16
C GLY A 30 -5.51 -10.28 14.17
N PHE A 31 -4.19 -10.19 14.12
CA PHE A 31 -3.36 -10.96 15.03
C PHE A 31 -3.30 -10.33 16.41
N ILE A 32 -3.47 -9.01 16.43
CA ILE A 32 -3.44 -8.27 17.68
C ILE A 32 -4.50 -8.84 18.63
N HIS A 33 -5.66 -9.14 18.06
CA HIS A 33 -6.76 -9.68 18.84
C HIS A 33 -6.56 -11.19 19.01
N GLY A 34 -5.66 -11.73 18.22
CA GLY A 34 -5.37 -13.16 18.27
C GLY A 34 -4.97 -13.58 19.69
N VAL A 1 11.66 11.07 -6.32
CA VAL A 1 11.84 10.01 -7.31
C VAL A 1 12.98 10.40 -8.26
N PHE A 2 13.41 9.41 -9.04
CA PHE A 2 14.49 9.63 -9.99
C PHE A 2 14.48 8.56 -11.08
N HIS A 3 13.27 8.13 -11.43
CA HIS A 3 13.11 7.12 -12.46
C HIS A 3 11.61 6.87 -12.71
N ALA A 4 10.86 6.88 -11.62
CA ALA A 4 9.42 6.66 -11.70
C ALA A 4 8.77 7.87 -12.37
N TYR A 5 9.21 9.05 -11.96
CA TYR A 5 8.67 10.29 -12.50
C TYR A 5 7.14 10.28 -12.49
N SER A 6 6.57 11.29 -13.12
CA SER A 6 5.12 11.41 -13.19
C SER A 6 4.50 11.06 -11.84
N ALA A 7 4.32 12.08 -11.03
CA ALA A 7 3.73 11.91 -9.70
C ALA A 7 2.35 11.28 -9.85
N ARG A 8 1.66 11.65 -10.91
CA ARG A 8 0.33 11.14 -11.17
C ARG A 8 0.39 9.64 -11.46
N GLY A 9 1.61 9.17 -11.70
CA GLY A 9 1.81 7.75 -11.98
C GLY A 9 2.41 7.04 -10.77
N VAL A 10 3.22 7.77 -10.02
CA VAL A 10 3.86 7.22 -8.84
C VAL A 10 2.79 6.93 -7.78
N ARG A 11 1.96 7.93 -7.53
CA ARG A 11 0.90 7.80 -6.55
C ARG A 11 -0.12 6.75 -7.00
N ASN A 12 -0.42 6.79 -8.29
CA ASN A 12 -1.38 5.86 -8.87
C ASN A 12 -0.88 4.43 -8.66
N ASN A 13 0.42 4.31 -8.44
CA ASN A 13 1.03 3.01 -8.22
C ASN A 13 1.04 2.71 -6.72
N TYR A 14 0.84 3.76 -5.93
CA TYR A 14 0.82 3.61 -4.48
C TYR A 14 -0.55 3.11 -4.00
N LYS A 15 -1.59 3.71 -4.56
CA LYS A 15 -2.94 3.34 -4.20
C LYS A 15 -3.14 1.83 -4.43
N SER A 16 -2.26 1.28 -5.26
CA SER A 16 -2.32 -0.14 -5.56
C SER A 16 -1.83 -0.96 -4.36
N ALA A 17 -0.67 -0.58 -3.87
CA ALA A 17 -0.09 -1.27 -2.72
C ALA A 17 -0.99 -1.09 -1.50
N VAL A 18 -1.92 -0.16 -1.64
CA VAL A 18 -2.87 0.13 -0.56
C VAL A 18 -3.94 -0.95 -0.53
N GLY A 19 -4.23 -1.49 -1.71
CA GLY A 19 -5.24 -2.53 -1.82
C GLY A 19 -4.93 -3.70 -0.89
N PRO A 20 -3.71 -4.28 -1.09
CA PRO A 20 -3.28 -5.40 -0.27
C PRO A 20 -2.88 -4.95 1.13
N ALA A 21 -2.48 -3.69 1.21
CA ALA A 21 -2.07 -3.12 2.49
C ALA A 21 -3.17 -3.34 3.52
N ASP A 22 -4.38 -3.50 3.01
CA ASP A 22 -5.52 -3.72 3.89
C ASP A 22 -5.44 -5.13 4.49
N TRP A 23 -4.92 -6.05 3.69
CA TRP A 23 -4.77 -7.42 4.12
C TRP A 23 -3.64 -7.48 5.16
N VAL A 24 -2.51 -6.91 4.77
CA VAL A 24 -1.36 -6.88 5.66
C VAL A 24 -1.74 -6.21 6.98
N ILE A 25 -2.32 -5.03 6.87
CA ILE A 25 -2.75 -4.29 8.04
C ILE A 25 -3.85 -5.06 8.76
N SER A 26 -4.65 -5.76 7.97
CA SER A 26 -5.75 -6.54 8.52
C SER A 26 -5.19 -7.72 9.33
N ALA A 27 -4.10 -8.27 8.82
CA ALA A 27 -3.47 -9.41 9.48
C ALA A 27 -2.81 -8.93 10.79
N VAL A 28 -2.35 -7.69 10.75
CA VAL A 28 -1.70 -7.10 11.92
C VAL A 28 -2.74 -6.88 13.01
N ARG A 29 -3.82 -6.21 12.65
CA ARG A 29 -4.88 -5.93 13.58
C ARG A 29 -5.65 -7.20 13.92
N GLY A 30 -5.63 -8.14 12.98
CA GLY A 30 -6.31 -9.41 13.16
C GLY A 30 -5.57 -10.29 14.17
N PHE A 31 -4.25 -10.20 14.12
CA PHE A 31 -3.42 -10.98 15.03
C PHE A 31 -3.36 -10.35 16.42
N ILE A 32 -3.53 -9.03 16.43
CA ILE A 32 -3.50 -8.29 17.69
C ILE A 32 -4.57 -8.86 18.63
N HIS A 33 -5.73 -9.15 18.06
CA HIS A 33 -6.83 -9.69 18.83
C HIS A 33 -6.64 -11.20 19.00
N GLY A 34 -5.73 -11.75 18.21
CA GLY A 34 -5.45 -13.17 18.26
C GLY A 34 -4.12 -13.43 18.96
N VAL A 1 12.36 10.50 -5.94
CA VAL A 1 12.27 9.68 -7.13
C VAL A 1 13.21 10.23 -8.21
N PHE A 2 13.58 9.36 -9.13
CA PHE A 2 14.48 9.74 -10.21
C PHE A 2 14.41 8.74 -11.36
N HIS A 3 13.20 8.31 -11.66
CA HIS A 3 13.00 7.34 -12.73
C HIS A 3 11.49 7.09 -12.92
N ALA A 4 10.80 7.04 -11.79
CA ALA A 4 9.36 6.81 -11.81
C ALA A 4 8.67 7.98 -12.51
N TYR A 5 9.02 9.18 -12.07
CA TYR A 5 8.44 10.38 -12.65
C TYR A 5 6.91 10.33 -12.62
N SER A 6 6.30 11.31 -13.25
CA SER A 6 4.85 11.38 -13.31
C SER A 6 4.26 11.08 -11.93
N ALA A 7 4.02 12.14 -11.17
CA ALA A 7 3.46 11.99 -9.84
C ALA A 7 2.10 11.28 -9.93
N ARG A 8 1.40 11.59 -11.01
CA ARG A 8 0.09 10.99 -11.24
C ARG A 8 0.22 9.48 -11.42
N GLY A 9 1.45 9.04 -11.62
CA GLY A 9 1.73 7.62 -11.82
C GLY A 9 2.38 7.02 -10.57
N VAL A 10 3.20 7.83 -9.91
CA VAL A 10 3.88 7.38 -8.71
C VAL A 10 2.85 7.05 -7.63
N ARG A 11 1.93 7.98 -7.42
CA ARG A 11 0.89 7.81 -6.43
C ARG A 11 -0.10 6.74 -6.88
N ASN A 12 -0.40 6.77 -8.18
CA ASN A 12 -1.34 5.82 -8.76
C ASN A 12 -0.80 4.40 -8.54
N ASN A 13 0.51 4.32 -8.33
CA ASN A 13 1.15 3.03 -8.10
C ASN A 13 1.15 2.72 -6.60
N TYR A 14 0.94 3.76 -5.82
CA TYR A 14 0.91 3.62 -4.37
C TYR A 14 -0.45 3.11 -3.90
N LYS A 15 -1.49 3.68 -4.45
CA LYS A 15 -2.85 3.29 -4.10
C LYS A 15 -3.02 1.78 -4.34
N SER A 16 -2.12 1.24 -5.15
CA SER A 16 -2.16 -0.17 -5.47
C SER A 16 -1.69 -0.99 -4.26
N ALA A 17 -0.54 -0.61 -3.74
CA ALA A 17 0.03 -1.31 -2.60
C ALA A 17 -0.89 -1.12 -1.40
N VAL A 18 -1.83 -0.19 -1.53
CA VAL A 18 -2.77 0.09 -0.47
C VAL A 18 -3.85 -1.00 -0.46
N GLY A 19 -4.13 -1.54 -1.64
CA GLY A 19 -5.12 -2.58 -1.77
C GLY A 19 -4.82 -3.75 -0.84
N PRO A 20 -3.60 -4.33 -1.03
CA PRO A 20 -3.18 -5.46 -0.21
C PRO A 20 -2.80 -5.00 1.21
N ALA A 21 -2.41 -3.74 1.29
CA ALA A 21 -2.01 -3.17 2.58
C ALA A 21 -3.12 -3.40 3.59
N ASP A 22 -4.33 -3.56 3.08
CA ASP A 22 -5.48 -3.78 3.94
C ASP A 22 -5.41 -5.19 4.52
N TRP A 23 -4.87 -6.10 3.73
CA TRP A 23 -4.72 -7.49 4.17
C TRP A 23 -3.61 -7.54 5.22
N VAL A 24 -2.48 -6.97 4.85
CA VAL A 24 -1.33 -6.94 5.75
C VAL A 24 -1.73 -6.29 7.07
N ILE A 25 -2.32 -5.10 6.94
CA ILE A 25 -2.76 -4.35 8.11
C ILE A 25 -3.87 -5.13 8.82
N SER A 26 -4.67 -5.82 8.02
CA SER A 26 -5.76 -6.62 8.55
C SER A 26 -5.23 -7.79 9.36
N ALA A 27 -4.12 -8.35 8.88
CA ALA A 27 -3.49 -9.48 9.54
C ALA A 27 -2.86 -9.00 10.84
N VAL A 28 -2.39 -7.76 10.83
CA VAL A 28 -1.76 -7.17 12.00
C VAL A 28 -2.82 -6.96 13.09
N ARG A 29 -3.89 -6.28 12.70
CA ARG A 29 -4.97 -6.00 13.63
C ARG A 29 -5.75 -7.28 13.94
N GLY A 30 -5.70 -8.21 13.01
CA GLY A 30 -6.39 -9.48 13.17
C GLY A 30 -5.66 -10.37 14.18
N PHE A 31 -4.34 -10.28 14.16
CA PHE A 31 -3.53 -11.06 15.08
C PHE A 31 -3.50 -10.43 16.47
N ILE A 32 -3.66 -9.12 16.49
CA ILE A 32 -3.65 -8.38 17.75
C ILE A 32 -4.73 -8.95 18.67
N HIS A 33 -5.88 -9.23 18.08
CA HIS A 33 -6.99 -9.78 18.83
C HIS A 33 -6.80 -11.29 19.01
N GLY A 34 -5.89 -11.83 18.22
CA GLY A 34 -5.60 -13.25 18.28
C GLY A 34 -6.08 -13.96 17.01
N VAL A 1 13.35 11.72 -11.88
CA VAL A 1 14.21 10.62 -12.27
C VAL A 1 13.46 9.74 -13.28
N PHE A 2 13.73 8.45 -13.22
CA PHE A 2 13.10 7.50 -14.11
C PHE A 2 11.76 7.02 -13.55
N HIS A 3 11.38 7.63 -12.43
CA HIS A 3 10.12 7.28 -11.79
C HIS A 3 9.90 8.19 -10.58
N ALA A 4 10.99 8.47 -9.88
CA ALA A 4 10.93 9.32 -8.69
C ALA A 4 10.10 10.57 -9.02
N TYR A 5 10.23 11.02 -10.25
CA TYR A 5 9.50 12.20 -10.70
C TYR A 5 8.01 11.89 -10.86
N SER A 6 7.31 12.84 -11.47
CA SER A 6 5.89 12.68 -11.70
C SER A 6 5.23 12.03 -10.48
N ALA A 7 4.86 12.86 -9.53
CA ALA A 7 4.23 12.39 -8.31
C ALA A 7 2.93 11.66 -8.67
N ARG A 8 2.28 12.17 -9.71
CA ARG A 8 1.03 11.58 -10.16
C ARG A 8 1.26 10.14 -10.63
N GLY A 9 2.52 9.80 -10.80
CA GLY A 9 2.89 8.46 -11.23
C GLY A 9 3.39 7.62 -10.06
N VAL A 10 4.12 8.27 -9.17
CA VAL A 10 4.66 7.60 -8.00
C VAL A 10 3.52 7.22 -7.06
N ARG A 11 2.68 8.21 -6.78
CA ARG A 11 1.55 8.00 -5.89
C ARG A 11 0.64 6.90 -6.45
N ASN A 12 0.45 6.94 -7.77
CA ASN A 12 -0.39 5.96 -8.43
C ASN A 12 0.17 4.56 -8.17
N ASN A 13 1.44 4.51 -7.84
CA ASN A 13 2.11 3.25 -7.56
C ASN A 13 1.98 2.93 -6.07
N TYR A 14 1.66 3.96 -5.30
CA TYR A 14 1.50 3.80 -3.87
C TYR A 14 0.13 3.23 -3.53
N LYS A 15 -0.89 3.77 -4.18
CA LYS A 15 -2.25 3.33 -3.95
C LYS A 15 -2.34 1.83 -4.21
N SER A 16 -1.35 1.32 -4.94
CA SER A 16 -1.31 -0.10 -5.26
C SER A 16 -0.92 -0.91 -4.03
N ALA A 17 0.16 -0.48 -3.40
CA ALA A 17 0.65 -1.16 -2.21
C ALA A 17 -0.38 -1.02 -1.09
N VAL A 18 -1.34 -0.13 -1.32
CA VAL A 18 -2.39 0.10 -0.35
C VAL A 18 -3.42 -1.02 -0.43
N GLY A 19 -3.56 -1.57 -1.64
CA GLY A 19 -4.51 -2.64 -1.86
C GLY A 19 -4.24 -3.82 -0.91
N PRO A 20 -2.98 -4.34 -0.98
CA PRO A 20 -2.59 -5.45 -0.13
C PRO A 20 -2.35 -4.99 1.31
N ALA A 21 -2.03 -3.71 1.44
CA ALA A 21 -1.78 -3.14 2.75
C ALA A 21 -2.97 -3.42 3.66
N ASP A 22 -4.12 -3.63 3.04
CA ASP A 22 -5.33 -3.91 3.78
C ASP A 22 -5.25 -5.32 4.38
N TRP A 23 -4.60 -6.20 3.64
CA TRP A 23 -4.45 -7.57 4.08
C TRP A 23 -3.43 -7.59 5.22
N VAL A 24 -2.29 -6.97 4.97
CA VAL A 24 -1.23 -6.90 5.96
C VAL A 24 -1.79 -6.27 7.24
N ILE A 25 -2.41 -5.11 7.06
CA ILE A 25 -2.98 -4.40 8.20
C ILE A 25 -4.12 -5.22 8.79
N SER A 26 -4.80 -5.95 7.92
CA SER A 26 -5.91 -6.77 8.35
C SER A 26 -5.40 -7.94 9.20
N ALA A 27 -4.24 -8.44 8.82
CA ALA A 27 -3.63 -9.55 9.53
C ALA A 27 -3.14 -9.06 10.90
N VAL A 28 -2.73 -7.80 10.92
CA VAL A 28 -2.24 -7.19 12.15
C VAL A 28 -3.39 -7.03 13.13
N ARG A 29 -4.45 -6.39 12.66
CA ARG A 29 -5.62 -6.16 13.48
C ARG A 29 -6.37 -7.48 13.72
N GLY A 30 -6.20 -8.40 12.78
CA GLY A 30 -6.85 -9.70 12.88
C GLY A 30 -6.18 -10.56 13.95
N PHE A 31 -4.87 -10.42 14.05
CA PHE A 31 -4.11 -11.17 15.04
C PHE A 31 -4.24 -10.55 16.42
N ILE A 32 -4.45 -9.24 16.44
CA ILE A 32 -4.59 -8.51 17.69
C ILE A 32 -5.72 -9.13 18.51
N HIS A 33 -6.80 -9.46 17.81
CA HIS A 33 -7.95 -10.06 18.47
C HIS A 33 -7.72 -11.56 18.65
N GLY A 34 -6.71 -12.06 17.95
CA GLY A 34 -6.37 -13.47 18.03
C GLY A 34 -4.87 -13.66 18.20
N VAL A 1 16.14 7.32 -10.36
CA VAL A 1 14.81 7.86 -10.57
C VAL A 1 14.00 6.87 -11.41
N PHE A 2 13.13 7.42 -12.25
CA PHE A 2 12.30 6.61 -13.11
C PHE A 2 11.16 5.96 -12.32
N HIS A 3 10.72 6.66 -11.29
CA HIS A 3 9.64 6.16 -10.44
C HIS A 3 9.29 7.22 -9.39
N ALA A 4 10.33 7.86 -8.88
CA ALA A 4 10.15 8.90 -7.86
C ALA A 4 9.57 10.15 -8.52
N TYR A 5 9.90 10.32 -9.79
CA TYR A 5 9.42 11.47 -10.54
C TYR A 5 7.92 11.39 -10.79
N SER A 6 7.39 12.40 -11.45
CA SER A 6 5.97 12.45 -11.76
C SER A 6 5.16 12.07 -10.52
N ALA A 7 4.76 13.10 -9.77
CA ALA A 7 3.98 12.90 -8.57
C ALA A 7 2.68 12.15 -8.92
N ARG A 8 2.17 12.45 -10.11
CA ARG A 8 0.94 11.83 -10.57
C ARG A 8 1.17 10.33 -10.81
N GLY A 9 2.44 9.95 -10.84
CA GLY A 9 2.81 8.57 -11.06
C GLY A 9 3.32 7.93 -9.78
N VAL A 10 3.92 8.76 -8.94
CA VAL A 10 4.45 8.28 -7.67
C VAL A 10 3.30 7.86 -6.76
N ARG A 11 2.32 8.73 -6.64
CA ARG A 11 1.16 8.46 -5.81
C ARG A 11 0.34 7.32 -6.42
N ASN A 12 0.21 7.35 -7.73
CA ASN A 12 -0.54 6.32 -8.44
C ASN A 12 0.09 4.95 -8.17
N ASN A 13 1.36 4.99 -7.77
CA ASN A 13 2.08 3.76 -7.48
C ASN A 13 1.92 3.43 -5.99
N TYR A 14 1.50 4.43 -5.23
CA TYR A 14 1.30 4.26 -3.80
C TYR A 14 -0.05 3.59 -3.52
N LYS A 15 -1.07 4.08 -4.21
CA LYS A 15 -2.41 3.54 -4.04
C LYS A 15 -2.39 2.03 -4.30
N SER A 16 -1.36 1.60 -4.99
CA SER A 16 -1.20 0.19 -5.32
C SER A 16 -0.79 -0.59 -4.07
N ALA A 17 0.24 -0.09 -3.41
CA ALA A 17 0.74 -0.73 -2.20
C ALA A 17 -0.34 -0.67 -1.12
N VAL A 18 -1.35 0.15 -1.37
CA VAL A 18 -2.44 0.30 -0.43
C VAL A 18 -3.38 -0.90 -0.54
N GLY A 19 -3.45 -1.45 -1.75
CA GLY A 19 -4.30 -2.59 -2.01
C GLY A 19 -3.98 -3.74 -1.05
N PRO A 20 -2.69 -4.17 -1.08
CA PRO A 20 -2.25 -5.25 -0.22
C PRO A 20 -2.09 -4.79 1.22
N ALA A 21 -1.86 -3.48 1.36
CA ALA A 21 -1.68 -2.89 2.68
C ALA A 21 -2.88 -3.26 3.56
N ASP A 22 -4.00 -3.55 2.90
CA ASP A 22 -5.21 -3.92 3.61
C ASP A 22 -5.05 -5.31 4.20
N TRP A 23 -4.31 -6.16 3.48
CA TRP A 23 -4.07 -7.51 3.93
C TRP A 23 -3.09 -7.46 5.10
N VAL A 24 -2.00 -6.75 4.88
CA VAL A 24 -0.98 -6.62 5.91
C VAL A 24 -1.62 -6.03 7.17
N ILE A 25 -2.31 -4.92 6.98
CA ILE A 25 -2.97 -4.25 8.09
C ILE A 25 -4.06 -5.16 8.66
N SER A 26 -4.67 -5.92 7.75
CA SER A 26 -5.73 -6.83 8.16
C SER A 26 -5.16 -7.95 9.02
N ALA A 27 -3.96 -8.37 8.67
CA ALA A 27 -3.29 -9.44 9.41
C ALA A 27 -2.87 -8.91 10.78
N VAL A 28 -2.56 -7.63 10.82
CA VAL A 28 -2.14 -7.00 12.06
C VAL A 28 -3.34 -6.92 13.02
N ARG A 29 -4.42 -6.36 12.50
CA ARG A 29 -5.63 -6.21 13.29
C ARG A 29 -6.29 -7.58 13.51
N GLY A 30 -6.03 -8.48 12.57
CA GLY A 30 -6.59 -9.82 12.65
C GLY A 30 -5.90 -10.64 13.75
N PHE A 31 -4.60 -10.41 13.89
CA PHE A 31 -3.82 -11.11 14.90
C PHE A 31 -4.03 -10.49 16.27
N ILE A 32 -4.34 -9.21 16.29
CA ILE A 32 -4.57 -8.49 17.53
C ILE A 32 -5.68 -9.20 18.32
N HIS A 33 -6.71 -9.60 17.59
CA HIS A 33 -7.83 -10.28 18.20
C HIS A 33 -7.50 -11.76 18.40
N GLY A 34 -6.44 -12.18 17.73
CA GLY A 34 -6.01 -13.57 17.81
C GLY A 34 -4.97 -13.75 18.93
N VAL A 1 17.77 11.70 -12.82
CA VAL A 1 16.39 11.26 -12.80
C VAL A 1 15.61 12.06 -11.75
N PHE A 2 14.65 11.40 -11.12
CA PHE A 2 13.84 12.03 -10.10
C PHE A 2 12.81 12.98 -10.72
N HIS A 3 12.38 12.62 -11.93
CA HIS A 3 11.41 13.43 -12.64
C HIS A 3 11.03 12.73 -13.96
N ALA A 4 12.04 12.14 -14.58
CA ALA A 4 11.82 11.44 -15.84
C ALA A 4 10.64 10.48 -15.70
N TYR A 5 10.65 9.75 -14.60
CA TYR A 5 9.58 8.80 -14.33
C TYR A 5 8.25 9.52 -14.10
N SER A 6 7.19 8.73 -14.11
CA SER A 6 5.85 9.27 -13.91
C SER A 6 5.33 8.89 -12.52
N ALA A 7 5.53 9.78 -11.58
CA ALA A 7 5.09 9.55 -10.20
C ALA A 7 3.58 9.31 -10.20
N ARG A 8 2.90 10.01 -11.10
CA ARG A 8 1.45 9.89 -11.20
C ARG A 8 1.07 8.46 -11.59
N GLY A 9 2.06 7.74 -12.11
CA GLY A 9 1.84 6.37 -12.53
C GLY A 9 2.32 5.38 -11.45
N VAL A 10 3.40 5.76 -10.79
CA VAL A 10 3.97 4.92 -9.75
C VAL A 10 3.02 4.90 -8.56
N ARG A 11 2.60 6.08 -8.13
CA ARG A 11 1.69 6.21 -7.01
C ARG A 11 0.39 5.45 -7.29
N ASN A 12 -0.07 5.56 -8.53
CA ASN A 12 -1.29 4.89 -8.94
C ASN A 12 -1.13 3.38 -8.74
N ASN A 13 0.12 2.95 -8.70
CA ASN A 13 0.42 1.54 -8.52
C ASN A 13 0.55 1.24 -7.03
N TYR A 14 0.73 2.31 -6.26
CA TYR A 14 0.87 2.17 -4.82
C TYR A 14 -0.49 2.03 -4.14
N LYS A 15 -1.43 2.86 -4.58
CA LYS A 15 -2.76 2.82 -4.02
C LYS A 15 -3.35 1.43 -4.18
N SER A 16 -2.75 0.67 -5.08
CA SER A 16 -3.20 -0.68 -5.35
C SER A 16 -2.79 -1.60 -4.20
N ALA A 17 -1.51 -1.53 -3.86
CA ALA A 17 -0.98 -2.35 -2.78
C ALA A 17 -1.64 -1.94 -1.46
N VAL A 18 -2.32 -0.80 -1.51
CA VAL A 18 -3.00 -0.29 -0.33
C VAL A 18 -4.30 -1.07 -0.13
N GLY A 19 -4.87 -1.51 -1.23
CA GLY A 19 -6.12 -2.26 -1.19
C GLY A 19 -5.99 -3.47 -0.28
N PRO A 20 -5.00 -4.34 -0.60
CA PRO A 20 -4.76 -5.54 0.18
C PRO A 20 -4.08 -5.21 1.51
N ALA A 21 -3.36 -4.09 1.51
CA ALA A 21 -2.65 -3.64 2.69
C ALA A 21 -3.63 -3.58 3.87
N ASP A 22 -4.90 -3.43 3.53
CA ASP A 22 -5.94 -3.35 4.55
C ASP A 22 -6.13 -4.73 5.17
N TRP A 23 -5.97 -5.75 4.34
CA TRP A 23 -6.12 -7.12 4.81
C TRP A 23 -4.92 -7.47 5.68
N VAL A 24 -3.73 -7.20 5.15
CA VAL A 24 -2.50 -7.47 5.86
C VAL A 24 -2.54 -6.73 7.21
N ILE A 25 -2.81 -5.44 7.13
CA ILE A 25 -2.87 -4.61 8.32
C ILE A 25 -4.03 -5.08 9.20
N SER A 26 -5.08 -5.54 8.55
CA SER A 26 -6.26 -6.02 9.25
C SER A 26 -5.92 -7.30 10.02
N ALA A 27 -5.08 -8.12 9.40
CA ALA A 27 -4.67 -9.37 10.02
C ALA A 27 -3.75 -9.08 11.20
N VAL A 28 -2.99 -8.00 11.08
CA VAL A 28 -2.07 -7.60 12.12
C VAL A 28 -2.88 -7.13 13.34
N ARG A 29 -3.78 -6.19 13.08
CA ARG A 29 -4.61 -5.64 14.15
C ARG A 29 -5.63 -6.69 14.61
N GLY A 30 -5.96 -7.59 13.70
CA GLY A 30 -6.92 -8.64 14.01
C GLY A 30 -6.30 -9.69 14.94
N PHE A 31 -5.02 -9.94 14.73
CA PHE A 31 -4.31 -10.92 15.55
C PHE A 31 -3.92 -10.31 16.90
N ILE A 32 -3.73 -9.00 16.90
CA ILE A 32 -3.36 -8.29 18.11
C ILE A 32 -4.40 -8.57 19.20
N HIS A 33 -5.66 -8.55 18.78
CA HIS A 33 -6.75 -8.79 19.72
C HIS A 33 -6.93 -10.30 19.90
N GLY A 34 -6.30 -11.06 19.02
CA GLY A 34 -6.39 -12.51 19.08
C GLY A 34 -5.40 -13.07 20.12
N VAL A 1 10.14 10.30 -8.71
CA VAL A 1 11.48 9.80 -8.52
C VAL A 1 12.37 10.27 -9.68
N PHE A 2 13.65 9.97 -9.57
CA PHE A 2 14.61 10.36 -10.59
C PHE A 2 14.69 9.31 -11.70
N HIS A 3 13.52 8.79 -12.06
CA HIS A 3 13.44 7.78 -13.10
C HIS A 3 11.97 7.41 -13.35
N ALA A 4 11.21 7.35 -12.26
CA ALA A 4 9.81 7.02 -12.36
C ALA A 4 9.02 8.25 -12.80
N TYR A 5 9.47 9.41 -12.32
CA TYR A 5 8.82 10.66 -12.66
C TYR A 5 7.30 10.53 -12.57
N SER A 6 6.61 11.55 -13.08
CA SER A 6 5.16 11.57 -13.07
C SER A 6 4.65 10.99 -11.75
N ALA A 7 4.52 11.86 -10.76
CA ALA A 7 4.03 11.45 -9.46
C ALA A 7 2.62 10.89 -9.59
N ARG A 8 1.86 11.46 -10.52
CA ARG A 8 0.50 11.03 -10.76
C ARG A 8 0.49 9.58 -11.24
N GLY A 9 1.66 9.10 -11.61
CA GLY A 9 1.80 7.73 -12.08
C GLY A 9 2.37 6.82 -10.99
N VAL A 10 3.31 7.38 -10.24
CA VAL A 10 3.94 6.64 -9.16
C VAL A 10 2.93 6.38 -8.05
N ARG A 11 2.26 7.47 -7.64
CA ARG A 11 1.27 7.38 -6.60
C ARG A 11 0.15 6.41 -7.00
N ASN A 12 -0.22 6.48 -8.26
CA ASN A 12 -1.27 5.61 -8.78
C ASN A 12 -0.85 4.15 -8.60
N ASN A 13 0.44 3.96 -8.47
CA ASN A 13 0.98 2.61 -8.29
C ASN A 13 1.05 2.29 -6.79
N TYR A 14 0.99 3.36 -5.99
CA TYR A 14 1.04 3.20 -4.55
C TYR A 14 -0.33 2.81 -3.99
N LYS A 15 -1.35 3.48 -4.48
CA LYS A 15 -2.71 3.21 -4.04
C LYS A 15 -3.03 1.73 -4.27
N SER A 16 -2.23 1.11 -5.13
CA SER A 16 -2.42 -0.30 -5.44
C SER A 16 -1.96 -1.16 -4.26
N ALA A 17 -0.74 -0.90 -3.83
CA ALA A 17 -0.17 -1.64 -2.71
C ALA A 17 -1.00 -1.37 -1.45
N VAL A 18 -1.85 -0.36 -1.54
CA VAL A 18 -2.69 0.01 -0.42
C VAL A 18 -3.87 -0.97 -0.34
N GLY A 19 -4.25 -1.48 -1.49
CA GLY A 19 -5.35 -2.42 -1.56
C GLY A 19 -5.10 -3.62 -0.64
N PRO A 20 -3.96 -4.31 -0.89
CA PRO A 20 -3.59 -5.48 -0.11
C PRO A 20 -3.09 -5.06 1.28
N ALA A 21 -2.58 -3.84 1.34
CA ALA A 21 -2.05 -3.31 2.59
C ALA A 21 -3.12 -3.42 3.68
N ASP A 22 -4.36 -3.46 3.23
CA ASP A 22 -5.49 -3.55 4.14
C ASP A 22 -5.57 -4.98 4.71
N TRP A 23 -5.15 -5.92 3.89
CA TRP A 23 -5.15 -7.32 4.30
C TRP A 23 -4.03 -7.52 5.32
N VAL A 24 -2.84 -7.09 4.95
CA VAL A 24 -1.68 -7.22 5.82
C VAL A 24 -1.98 -6.52 7.14
N ILE A 25 -2.42 -5.27 7.04
CA ILE A 25 -2.74 -4.48 8.22
C ILE A 25 -3.91 -5.14 8.95
N SER A 26 -4.80 -5.74 8.17
CA SER A 26 -5.97 -6.40 8.73
C SER A 26 -5.54 -7.63 9.52
N ALA A 27 -4.54 -8.32 8.99
CA ALA A 27 -4.02 -9.52 9.64
C ALA A 27 -3.29 -9.12 10.92
N VAL A 28 -2.69 -7.95 10.88
CA VAL A 28 -1.95 -7.46 12.03
C VAL A 28 -2.93 -7.12 13.16
N ARG A 29 -3.93 -6.32 12.81
CA ARG A 29 -4.93 -5.91 13.78
C ARG A 29 -5.84 -7.10 14.12
N GLY A 30 -5.94 -8.02 13.17
CA GLY A 30 -6.76 -9.20 13.37
C GLY A 30 -6.12 -10.16 14.36
N PHE A 31 -4.79 -10.24 14.29
CA PHE A 31 -4.05 -11.12 15.17
C PHE A 31 -3.90 -10.50 16.56
N ILE A 32 -3.90 -9.18 16.59
CA ILE A 32 -3.76 -8.46 17.84
C ILE A 32 -4.86 -8.90 18.80
N HIS A 33 -6.05 -9.05 18.25
CA HIS A 33 -7.20 -9.46 19.05
C HIS A 33 -7.19 -10.98 19.22
N GLY A 34 -6.36 -11.62 18.39
CA GLY A 34 -6.25 -13.06 18.44
C GLY A 34 -5.67 -13.53 19.77
N VAL A 1 13.03 9.46 -5.20
CA VAL A 1 12.73 8.83 -6.48
C VAL A 1 13.60 9.45 -7.56
N PHE A 2 13.72 8.73 -8.68
CA PHE A 2 14.52 9.21 -9.79
C PHE A 2 14.34 8.30 -11.01
N HIS A 3 13.08 7.97 -11.28
CA HIS A 3 12.77 7.11 -12.42
C HIS A 3 11.25 6.96 -12.52
N ALA A 4 10.61 6.85 -11.36
CA ALA A 4 9.16 6.69 -11.32
C ALA A 4 8.51 7.84 -12.10
N TYR A 5 8.94 9.05 -11.78
CA TYR A 5 8.41 10.23 -12.43
C TYR A 5 6.88 10.16 -12.53
N SER A 6 6.33 11.10 -13.30
CA SER A 6 4.90 11.15 -13.48
C SER A 6 4.18 10.95 -12.14
N ALA A 7 3.88 12.08 -11.50
CA ALA A 7 3.21 12.05 -10.21
C ALA A 7 1.86 11.33 -10.36
N ARG A 8 1.26 11.52 -11.52
CA ARG A 8 -0.03 10.90 -11.80
C ARG A 8 0.12 9.38 -11.87
N GLY A 9 1.37 8.94 -11.93
CA GLY A 9 1.66 7.52 -11.99
C GLY A 9 2.25 7.02 -10.67
N VAL A 10 2.95 7.92 -10.00
CA VAL A 10 3.58 7.59 -8.73
C VAL A 10 2.49 7.37 -7.67
N ARG A 11 1.58 8.33 -7.60
CA ARG A 11 0.50 8.27 -6.64
C ARG A 11 -0.42 7.08 -6.96
N ASN A 12 -0.66 6.89 -8.25
CA ASN A 12 -1.51 5.79 -8.69
C ASN A 12 -0.88 4.47 -8.29
N ASN A 13 0.42 4.52 -8.02
CA ASN A 13 1.15 3.33 -7.62
C ASN A 13 1.14 3.23 -6.09
N TYR A 14 0.74 4.32 -5.46
CA TYR A 14 0.68 4.36 -4.01
C TYR A 14 -0.59 3.70 -3.49
N LYS A 15 -1.71 4.08 -4.08
CA LYS A 15 -3.00 3.54 -3.69
C LYS A 15 -3.05 2.05 -4.03
N SER A 16 -2.12 1.64 -4.88
CA SER A 16 -2.03 0.25 -5.31
C SER A 16 -1.57 -0.62 -4.13
N ALA A 17 -0.40 -0.29 -3.61
CA ALA A 17 0.15 -1.03 -2.49
C ALA A 17 -0.75 -0.87 -1.27
N VAL A 18 -1.66 0.09 -1.38
CA VAL A 18 -2.59 0.36 -0.30
C VAL A 18 -3.70 -0.70 -0.30
N GLY A 19 -4.00 -1.18 -1.49
CA GLY A 19 -5.03 -2.20 -1.65
C GLY A 19 -4.75 -3.40 -0.77
N PRO A 20 -3.55 -4.01 -0.98
CA PRO A 20 -3.15 -5.17 -0.21
C PRO A 20 -2.74 -4.77 1.22
N ALA A 21 -2.31 -3.52 1.35
CA ALA A 21 -1.89 -3.01 2.63
C ALA A 21 -3.00 -3.24 3.66
N ASP A 22 -4.22 -3.35 3.15
CA ASP A 22 -5.37 -3.57 4.01
C ASP A 22 -5.32 -5.01 4.55
N TRP A 23 -4.81 -5.90 3.73
CA TRP A 23 -4.70 -7.30 4.12
C TRP A 23 -3.58 -7.42 5.14
N VAL A 24 -2.44 -6.86 4.80
CA VAL A 24 -1.28 -6.89 5.68
C VAL A 24 -1.65 -6.27 7.03
N ILE A 25 -2.21 -5.07 6.95
CA ILE A 25 -2.61 -4.35 8.15
C ILE A 25 -3.74 -5.13 8.84
N SER A 26 -4.56 -5.78 8.02
CA SER A 26 -5.67 -6.55 8.54
C SER A 26 -5.15 -7.78 9.31
N ALA A 27 -4.07 -8.34 8.79
CA ALA A 27 -3.46 -9.50 9.41
C ALA A 27 -2.80 -9.08 10.73
N VAL A 28 -2.31 -7.86 10.74
CA VAL A 28 -1.65 -7.33 11.92
C VAL A 28 -2.69 -7.12 13.03
N ARG A 29 -3.75 -6.40 12.68
CA ARG A 29 -4.81 -6.13 13.64
C ARG A 29 -5.61 -7.40 13.91
N GLY A 30 -5.60 -8.30 12.94
CA GLY A 30 -6.32 -9.56 13.07
C GLY A 30 -5.60 -10.49 14.05
N PHE A 31 -4.28 -10.44 14.02
CA PHE A 31 -3.47 -11.27 14.89
C PHE A 31 -3.41 -10.69 16.30
N ILE A 32 -3.53 -9.36 16.37
CA ILE A 32 -3.50 -8.67 17.65
C ILE A 32 -4.58 -9.25 18.56
N HIS A 33 -5.74 -9.49 17.99
CA HIS A 33 -6.86 -10.04 18.73
C HIS A 33 -6.70 -11.55 18.85
N GLY A 34 -5.80 -12.09 18.04
CA GLY A 34 -5.55 -13.52 18.04
C GLY A 34 -5.70 -14.10 16.64
N VAL A 1 13.92 8.58 -11.85
CA VAL A 1 14.76 9.40 -12.70
C VAL A 1 14.57 10.87 -12.34
N PHE A 2 15.36 11.71 -12.99
CA PHE A 2 15.28 13.15 -12.75
C PHE A 2 14.14 13.77 -13.54
N HIS A 3 13.39 12.92 -14.22
CA HIS A 3 12.26 13.37 -15.02
C HIS A 3 11.53 12.16 -15.61
N ALA A 4 12.33 11.18 -16.02
CA ALA A 4 11.76 9.97 -16.60
C ALA A 4 10.78 9.34 -15.62
N TYR A 5 10.97 9.68 -14.36
CA TYR A 5 10.10 9.15 -13.31
C TYR A 5 8.64 9.55 -13.54
N SER A 6 7.75 8.78 -12.93
CA SER A 6 6.32 9.05 -13.07
C SER A 6 5.65 8.99 -11.70
N ALA A 7 5.57 10.16 -11.06
CA ALA A 7 4.96 10.25 -9.75
C ALA A 7 3.51 9.78 -9.84
N ARG A 8 2.89 10.07 -10.97
CA ARG A 8 1.51 9.68 -11.20
C ARG A 8 1.38 8.16 -11.23
N GLY A 9 2.53 7.50 -11.34
CA GLY A 9 2.56 6.05 -11.39
C GLY A 9 3.09 5.47 -10.08
N VAL A 10 3.95 6.24 -9.43
CA VAL A 10 4.54 5.82 -8.18
C VAL A 10 3.45 5.81 -7.09
N ARG A 11 2.73 6.92 -7.01
CA ARG A 11 1.67 7.05 -6.04
C ARG A 11 0.53 6.07 -6.35
N ASN A 12 0.22 5.96 -7.63
CA ASN A 12 -0.84 5.07 -8.08
C ASN A 12 -0.48 3.63 -7.71
N ASN A 13 0.82 3.42 -7.48
CA ASN A 13 1.30 2.10 -7.11
C ASN A 13 1.30 1.96 -5.59
N TYR A 14 1.13 3.10 -4.92
CA TYR A 14 1.12 3.12 -3.48
C TYR A 14 -0.26 2.72 -2.94
N LYS A 15 -1.29 3.33 -3.50
CA LYS A 15 -2.66 3.05 -3.10
C LYS A 15 -3.00 1.60 -3.47
N SER A 16 -2.19 1.04 -4.34
CA SER A 16 -2.40 -0.33 -4.79
C SER A 16 -2.02 -1.30 -3.68
N ALA A 17 -0.89 -1.01 -3.04
CA ALA A 17 -0.41 -1.85 -1.95
C ALA A 17 -1.22 -1.57 -0.69
N VAL A 18 -1.95 -0.46 -0.73
CA VAL A 18 -2.77 -0.06 0.40
C VAL A 18 -4.04 -0.92 0.43
N GLY A 19 -4.48 -1.31 -0.75
CA GLY A 19 -5.67 -2.12 -0.87
C GLY A 19 -5.57 -3.39 -0.02
N PRO A 20 -4.50 -4.19 -0.31
CA PRO A 20 -4.26 -5.42 0.44
C PRO A 20 -3.72 -5.13 1.83
N ALA A 21 -3.09 -3.98 1.97
CA ALA A 21 -2.52 -3.57 3.24
C ALA A 21 -3.60 -3.64 4.32
N ASP A 22 -4.84 -3.52 3.87
CA ASP A 22 -5.97 -3.56 4.78
C ASP A 22 -6.15 -4.99 5.30
N TRP A 23 -5.84 -5.95 4.43
CA TRP A 23 -5.96 -7.35 4.79
C TRP A 23 -4.83 -7.69 5.77
N VAL A 24 -3.62 -7.33 5.37
CA VAL A 24 -2.45 -7.58 6.19
C VAL A 24 -2.65 -6.94 7.56
N ILE A 25 -2.98 -5.66 7.53
CA ILE A 25 -3.21 -4.91 8.75
C ILE A 25 -4.42 -5.49 9.49
N SER A 26 -5.38 -5.97 8.70
CA SER A 26 -6.58 -6.55 9.27
C SER A 26 -6.25 -7.85 9.99
N ALA A 27 -5.31 -8.59 9.41
CA ALA A 27 -4.89 -9.86 9.98
C ALA A 27 -4.11 -9.59 11.27
N VAL A 28 -3.40 -8.47 11.28
CA VAL A 28 -2.61 -8.09 12.44
C VAL A 28 -3.55 -7.73 13.59
N ARG A 29 -4.48 -6.83 13.31
CA ARG A 29 -5.44 -6.41 14.32
C ARG A 29 -6.43 -7.52 14.61
N GLY A 30 -6.62 -8.38 13.63
CA GLY A 30 -7.54 -9.50 13.77
C GLY A 30 -6.97 -10.57 14.70
N PHE A 31 -5.65 -10.74 14.61
CA PHE A 31 -4.96 -11.73 15.43
C PHE A 31 -4.73 -11.19 16.85
N ILE A 32 -4.63 -9.88 16.94
CA ILE A 32 -4.42 -9.23 18.22
C ILE A 32 -5.53 -9.62 19.18
N HIS A 33 -6.75 -9.64 18.65
CA HIS A 33 -7.91 -10.00 19.45
C HIS A 33 -8.02 -11.52 19.54
N GLY A 34 -7.27 -12.20 18.67
CA GLY A 34 -7.27 -13.65 18.65
C GLY A 34 -5.96 -14.22 19.19
N VAL A 1 11.44 9.31 -5.31
CA VAL A 1 11.66 8.43 -6.44
C VAL A 1 12.71 9.04 -7.36
N PHE A 2 13.20 8.22 -8.29
CA PHE A 2 14.21 8.67 -9.23
C PHE A 2 14.33 7.69 -10.40
N HIS A 3 13.18 7.32 -10.94
CA HIS A 3 13.14 6.40 -12.06
C HIS A 3 11.70 6.21 -12.53
N ALA A 4 10.80 6.15 -11.55
CA ALA A 4 9.39 5.98 -11.85
C ALA A 4 8.85 7.24 -12.52
N TYR A 5 9.32 8.38 -12.03
CA TYR A 5 8.89 9.66 -12.57
C TYR A 5 7.36 9.77 -12.59
N SER A 6 6.88 10.83 -13.22
CA SER A 6 5.46 11.05 -13.32
C SER A 6 4.79 10.80 -11.97
N ALA A 7 4.63 11.88 -11.22
CA ALA A 7 4.00 11.79 -9.90
C ALA A 7 2.59 11.22 -10.05
N ARG A 8 1.96 11.58 -11.15
CA ARG A 8 0.61 11.12 -11.43
C ARG A 8 0.60 9.60 -11.67
N GLY A 9 1.79 9.06 -11.87
CA GLY A 9 1.94 7.64 -12.11
C GLY A 9 2.51 6.94 -10.87
N VAL A 10 3.34 7.68 -10.14
CA VAL A 10 3.96 7.14 -8.94
C VAL A 10 2.88 6.89 -7.88
N ARG A 11 2.07 7.91 -7.66
CA ARG A 11 0.99 7.81 -6.69
C ARG A 11 -0.05 6.80 -7.14
N ASN A 12 -0.34 6.84 -8.42
CA ASN A 12 -1.32 5.92 -9.00
C ASN A 12 -0.87 4.48 -8.76
N ASN A 13 0.43 4.33 -8.54
CA ASN A 13 1.01 3.02 -8.31
C ASN A 13 1.00 2.72 -6.80
N TYR A 14 0.82 3.78 -6.03
CA TYR A 14 0.78 3.66 -4.58
C TYR A 14 -0.60 3.19 -4.10
N LYS A 15 -1.63 3.79 -4.68
CA LYS A 15 -2.99 3.45 -4.33
C LYS A 15 -3.21 1.95 -4.55
N SER A 16 -2.33 1.38 -5.35
CA SER A 16 -2.41 -0.05 -5.65
C SER A 16 -1.97 -0.87 -4.44
N ALA A 17 -0.80 -0.51 -3.92
CA ALA A 17 -0.26 -1.21 -2.77
C ALA A 17 -1.18 -0.99 -1.56
N VAL A 18 -2.08 -0.04 -1.72
CA VAL A 18 -3.03 0.27 -0.66
C VAL A 18 -4.13 -0.78 -0.64
N GLY A 19 -4.41 -1.33 -1.81
CA GLY A 19 -5.44 -2.35 -1.94
C GLY A 19 -5.17 -3.52 -1.00
N PRO A 20 -3.96 -4.13 -1.17
CA PRO A 20 -3.57 -5.26 -0.35
C PRO A 20 -3.17 -4.81 1.06
N ALA A 21 -2.76 -3.55 1.14
CA ALA A 21 -2.35 -2.97 2.42
C ALA A 21 -3.47 -3.17 3.44
N ASP A 22 -4.69 -3.29 2.93
CA ASP A 22 -5.84 -3.48 3.77
C ASP A 22 -5.81 -4.90 4.36
N TRP A 23 -5.27 -5.82 3.58
CA TRP A 23 -5.19 -7.20 4.01
C TRP A 23 -4.10 -7.29 5.08
N VAL A 24 -2.93 -6.76 4.74
CA VAL A 24 -1.81 -6.78 5.66
C VAL A 24 -2.21 -6.10 6.98
N ILE A 25 -2.74 -4.88 6.84
CA ILE A 25 -3.17 -4.11 7.99
C ILE A 25 -4.26 -4.89 8.72
N SER A 26 -5.08 -5.58 7.95
CA SER A 26 -6.17 -6.36 8.50
C SER A 26 -5.61 -7.52 9.34
N ALA A 27 -4.60 -8.17 8.79
CA ALA A 27 -3.98 -9.29 9.47
C ALA A 27 -3.18 -8.77 10.67
N VAL A 28 -2.69 -7.54 10.53
CA VAL A 28 -1.91 -6.93 11.59
C VAL A 28 -2.79 -6.76 12.83
N ARG A 29 -3.96 -6.16 12.62
CA ARG A 29 -4.89 -5.94 13.71
C ARG A 29 -5.50 -7.26 14.16
N GLY A 30 -5.55 -8.21 13.23
CA GLY A 30 -6.10 -9.52 13.52
C GLY A 30 -5.13 -10.35 14.36
N PHE A 31 -3.85 -10.15 14.10
CA PHE A 31 -2.81 -10.87 14.81
C PHE A 31 -2.57 -10.27 16.19
N ILE A 32 -2.86 -8.97 16.29
CA ILE A 32 -2.68 -8.26 17.54
C ILE A 32 -3.50 -8.93 18.64
N HIS A 33 -4.70 -9.33 18.27
CA HIS A 33 -5.60 -10.00 19.21
C HIS A 33 -5.25 -11.49 19.27
N GLY A 34 -4.46 -11.92 18.30
CA GLY A 34 -4.05 -13.31 18.24
C GLY A 34 -3.00 -13.63 19.31
N VAL A 1 16.51 8.22 -11.13
CA VAL A 1 15.89 9.53 -11.00
C VAL A 1 14.72 9.44 -10.03
N PHE A 2 14.21 10.61 -9.67
CA PHE A 2 13.09 10.68 -8.73
C PHE A 2 12.27 11.94 -8.97
N HIS A 3 11.87 12.15 -10.22
CA HIS A 3 11.09 13.31 -10.58
C HIS A 3 10.70 13.23 -12.06
N ALA A 4 11.66 12.77 -12.86
CA ALA A 4 11.45 12.64 -14.29
C ALA A 4 10.40 11.56 -14.55
N TYR A 5 10.28 10.66 -13.59
CA TYR A 5 9.32 9.57 -13.70
C TYR A 5 7.88 10.10 -13.65
N SER A 6 6.95 9.20 -13.94
CA SER A 6 5.54 9.56 -13.93
C SER A 6 4.95 9.33 -12.54
N ALA A 7 4.93 10.41 -11.76
CA ALA A 7 4.40 10.35 -10.41
C ALA A 7 2.93 9.90 -10.46
N ARG A 8 2.26 10.35 -11.52
CA ARG A 8 0.86 10.00 -11.70
C ARG A 8 0.70 8.49 -11.92
N GLY A 9 1.83 7.84 -12.18
CA GLY A 9 1.83 6.41 -12.40
C GLY A 9 2.38 5.67 -11.19
N VAL A 10 3.33 6.30 -10.53
CA VAL A 10 3.95 5.72 -9.34
C VAL A 10 2.91 5.61 -8.22
N ARG A 11 2.23 6.72 -7.99
CA ARG A 11 1.20 6.77 -6.96
C ARG A 11 0.04 5.85 -7.32
N ASN A 12 -0.31 5.87 -8.60
CA ASN A 12 -1.41 5.05 -9.08
C ASN A 12 -1.08 3.57 -8.81
N ASN A 13 0.20 3.30 -8.65
CA ASN A 13 0.65 1.94 -8.39
C ASN A 13 0.69 1.71 -6.88
N TYR A 14 0.66 2.80 -6.14
CA TYR A 14 0.69 2.73 -4.69
C TYR A 14 -0.70 2.41 -4.13
N LYS A 15 -1.69 3.09 -4.68
CA LYS A 15 -3.07 2.88 -4.24
C LYS A 15 -3.44 1.41 -4.40
N SER A 16 -2.66 0.73 -5.23
CA SER A 16 -2.89 -0.68 -5.47
C SER A 16 -2.48 -1.51 -4.26
N ALA A 17 -1.25 -1.26 -3.81
CA ALA A 17 -0.72 -1.96 -2.65
C ALA A 17 -1.56 -1.63 -1.42
N VAL A 18 -2.38 -0.59 -1.57
CA VAL A 18 -3.24 -0.15 -0.47
C VAL A 18 -4.43 -1.09 -0.36
N GLY A 19 -4.82 -1.64 -1.51
CA GLY A 19 -5.95 -2.57 -1.55
C GLY A 19 -5.75 -3.73 -0.58
N PRO A 20 -4.61 -4.46 -0.79
CA PRO A 20 -4.29 -5.60 0.05
C PRO A 20 -3.79 -5.14 1.43
N ALA A 21 -3.25 -3.93 1.44
CA ALA A 21 -2.73 -3.37 2.68
C ALA A 21 -3.81 -3.41 3.76
N ASP A 22 -5.05 -3.43 3.30
CA ASP A 22 -6.18 -3.48 4.21
C ASP A 22 -6.27 -4.87 4.85
N TRP A 23 -5.85 -5.86 4.07
CA TRP A 23 -5.88 -7.24 4.54
C TRP A 23 -4.76 -7.40 5.56
N VAL A 24 -3.56 -7.00 5.16
CA VAL A 24 -2.40 -7.10 6.03
C VAL A 24 -2.68 -6.35 7.33
N ILE A 25 -3.09 -5.09 7.18
CA ILE A 25 -3.39 -4.25 8.32
C ILE A 25 -4.52 -4.89 9.13
N SER A 26 -5.43 -5.52 8.41
CA SER A 26 -6.56 -6.17 9.04
C SER A 26 -6.09 -7.35 9.89
N ALA A 27 -5.16 -8.12 9.32
CA ALA A 27 -4.62 -9.28 10.02
C ALA A 27 -3.72 -8.79 11.16
N VAL A 28 -3.12 -7.63 10.95
CA VAL A 28 -2.23 -7.05 11.95
C VAL A 28 -3.03 -6.77 13.23
N ARG A 29 -4.14 -6.06 13.05
CA ARG A 29 -5.00 -5.72 14.17
C ARG A 29 -5.71 -6.96 14.69
N GLY A 30 -5.90 -7.93 13.80
CA GLY A 30 -6.56 -9.17 14.16
C GLY A 30 -5.63 -10.07 14.98
N PHE A 31 -4.36 -10.00 14.66
CA PHE A 31 -3.36 -10.80 15.34
C PHE A 31 -2.99 -10.17 16.69
N ILE A 32 -3.15 -8.86 16.76
CA ILE A 32 -2.84 -8.13 17.98
C ILE A 32 -3.68 -8.70 19.13
N HIS A 33 -4.92 -8.98 18.83
CA HIS A 33 -5.83 -9.52 19.83
C HIS A 33 -5.62 -11.04 19.93
N GLY A 34 -4.93 -11.58 18.94
CA GLY A 34 -4.66 -13.00 18.90
C GLY A 34 -3.75 -13.42 20.05
N VAL A 1 10.92 6.45 -16.48
CA VAL A 1 11.03 6.23 -15.05
C VAL A 1 9.66 6.44 -14.40
N PHE A 2 9.57 6.08 -13.13
CA PHE A 2 8.34 6.23 -12.39
C PHE A 2 8.58 6.14 -10.88
N HIS A 3 9.53 6.93 -10.42
CA HIS A 3 9.87 6.94 -9.01
C HIS A 3 10.95 8.01 -8.75
N ALA A 4 11.88 8.10 -9.69
CA ALA A 4 12.95 9.08 -9.58
C ALA A 4 12.36 10.48 -9.56
N TYR A 5 11.12 10.58 -9.97
CA TYR A 5 10.42 11.86 -9.99
C TYR A 5 8.93 11.68 -10.27
N SER A 6 8.35 12.67 -10.92
CA SER A 6 6.94 12.63 -11.25
C SER A 6 6.15 12.03 -10.09
N ALA A 7 5.71 12.92 -9.20
CA ALA A 7 4.94 12.49 -8.04
C ALA A 7 3.68 11.76 -8.50
N ARG A 8 3.15 12.23 -9.63
CA ARG A 8 1.94 11.63 -10.19
C ARG A 8 2.21 10.18 -10.59
N GLY A 9 3.49 9.83 -10.63
CA GLY A 9 3.89 8.48 -11.00
C GLY A 9 4.29 7.68 -9.76
N VAL A 10 4.92 8.37 -8.82
CA VAL A 10 5.35 7.73 -7.58
C VAL A 10 4.13 7.35 -6.75
N ARG A 11 3.24 8.32 -6.58
CA ARG A 11 2.02 8.10 -5.82
C ARG A 11 1.20 6.96 -6.44
N ASN A 12 1.16 6.96 -7.76
CA ASN A 12 0.42 5.95 -8.48
C ASN A 12 0.97 4.57 -8.13
N ASN A 13 2.22 4.57 -7.67
CA ASN A 13 2.88 3.32 -7.30
C ASN A 13 2.61 3.04 -5.82
N TYR A 14 2.18 4.07 -5.12
CA TYR A 14 1.89 3.94 -3.69
C TYR A 14 0.50 3.34 -3.47
N LYS A 15 -0.46 3.84 -4.24
CA LYS A 15 -1.82 3.35 -4.15
C LYS A 15 -1.85 1.85 -4.38
N SER A 16 -0.78 1.36 -5.00
CA SER A 16 -0.66 -0.06 -5.29
C SER A 16 -0.38 -0.84 -4.01
N ALA A 17 0.63 -0.38 -3.29
CA ALA A 17 1.02 -1.01 -2.04
C ALA A 17 -0.13 -0.89 -1.03
N VAL A 18 -1.08 -0.03 -1.37
CA VAL A 18 -2.23 0.20 -0.51
C VAL A 18 -3.21 -0.96 -0.67
N GLY A 19 -3.22 -1.53 -1.86
CA GLY A 19 -4.10 -2.64 -2.17
C GLY A 19 -3.89 -3.79 -1.17
N PRO A 20 -2.63 -4.28 -1.12
CA PRO A 20 -2.29 -5.37 -0.22
C PRO A 20 -2.21 -4.88 1.23
N ALA A 21 -1.93 -3.60 1.38
CA ALA A 21 -1.82 -2.99 2.69
C ALA A 21 -3.09 -3.29 3.49
N ASP A 22 -4.17 -3.53 2.77
CA ASP A 22 -5.45 -3.83 3.39
C ASP A 22 -5.40 -5.24 4.00
N TRP A 23 -4.63 -6.10 3.33
CA TRP A 23 -4.49 -7.47 3.79
C TRP A 23 -3.62 -7.46 5.05
N VAL A 24 -2.47 -6.82 4.93
CA VAL A 24 -1.54 -6.73 6.04
C VAL A 24 -2.25 -6.09 7.24
N ILE A 25 -2.84 -4.93 6.99
CA ILE A 25 -3.55 -4.22 8.03
C ILE A 25 -4.69 -5.09 8.56
N SER A 26 -5.26 -5.86 7.66
CA SER A 26 -6.37 -6.74 8.02
C SER A 26 -5.87 -7.84 8.96
N ALA A 27 -4.71 -8.39 8.62
CA ALA A 27 -4.12 -9.45 9.42
C ALA A 27 -3.62 -8.85 10.74
N VAL A 28 -3.23 -7.59 10.67
CA VAL A 28 -2.73 -6.90 11.85
C VAL A 28 -3.83 -6.82 12.89
N ARG A 29 -4.98 -6.33 12.47
CA ARG A 29 -6.12 -6.20 13.36
C ARG A 29 -6.68 -7.59 13.72
N GLY A 30 -6.47 -8.53 12.81
CA GLY A 30 -6.93 -9.89 13.02
C GLY A 30 -6.06 -10.62 14.03
N PHE A 31 -4.77 -10.31 14.00
CA PHE A 31 -3.83 -10.93 14.91
C PHE A 31 -3.90 -10.29 16.30
N ILE A 32 -4.32 -9.03 16.31
CA ILE A 32 -4.44 -8.30 17.57
C ILE A 32 -5.39 -9.06 18.50
N HIS A 33 -6.46 -9.57 17.93
CA HIS A 33 -7.44 -10.32 18.70
C HIS A 33 -6.97 -11.77 18.86
N GLY A 34 -5.99 -12.12 18.05
CA GLY A 34 -5.44 -13.47 18.09
C GLY A 34 -4.11 -13.50 18.84
N VAL A 1 16.59 10.87 -12.07
CA VAL A 1 15.41 10.23 -11.51
C VAL A 1 14.72 9.40 -12.59
N PHE A 2 14.05 8.34 -12.14
CA PHE A 2 13.35 7.45 -13.06
C PHE A 2 12.24 6.69 -12.34
N HIS A 3 11.57 7.40 -11.44
CA HIS A 3 10.48 6.80 -10.68
C HIS A 3 9.85 7.86 -9.77
N ALA A 4 10.70 8.71 -9.22
CA ALA A 4 10.23 9.77 -8.34
C ALA A 4 9.47 10.81 -9.16
N TYR A 5 9.85 10.92 -10.43
CA TYR A 5 9.22 11.87 -11.32
C TYR A 5 7.72 11.56 -11.47
N SER A 6 7.02 12.48 -12.12
CA SER A 6 5.60 12.33 -12.33
C SER A 6 4.94 11.71 -11.09
N ALA A 7 4.56 12.58 -10.17
CA ALA A 7 3.92 12.14 -8.94
C ALA A 7 2.63 11.40 -9.28
N ARG A 8 1.96 11.87 -10.34
CA ARG A 8 0.72 11.27 -10.77
C ARG A 8 0.96 9.82 -11.19
N GLY A 9 2.22 9.48 -11.35
CA GLY A 9 2.59 8.13 -11.75
C GLY A 9 3.08 7.32 -10.54
N VAL A 10 3.81 7.99 -9.68
CA VAL A 10 4.35 7.36 -8.49
C VAL A 10 3.19 7.01 -7.54
N ARG A 11 2.36 8.00 -7.28
CA ARG A 11 1.22 7.82 -6.40
C ARG A 11 0.32 6.70 -6.94
N ASN A 12 0.14 6.70 -8.25
CA ASN A 12 -0.70 5.70 -8.89
C ASN A 12 -0.15 4.31 -8.58
N ASN A 13 1.13 4.28 -8.25
CA ASN A 13 1.79 3.02 -7.93
C ASN A 13 1.66 2.75 -6.43
N TYR A 14 1.34 3.80 -5.69
CA TYR A 14 1.17 3.68 -4.25
C TYR A 14 -0.20 3.12 -3.90
N LYS A 15 -1.22 3.64 -4.58
CA LYS A 15 -2.58 3.20 -4.34
C LYS A 15 -2.67 1.70 -4.56
N SER A 16 -1.67 1.17 -5.26
CA SER A 16 -1.62 -0.26 -5.54
C SER A 16 -1.25 -1.03 -4.27
N ALA A 17 -0.17 -0.59 -3.65
CA ALA A 17 0.32 -1.23 -2.44
C ALA A 17 -0.72 -1.05 -1.34
N VAL A 18 -1.68 -0.17 -1.60
CA VAL A 18 -2.74 0.09 -0.64
C VAL A 18 -3.77 -1.04 -0.69
N GLY A 19 -3.89 -1.62 -1.88
CA GLY A 19 -4.83 -2.71 -2.08
C GLY A 19 -4.57 -3.84 -1.09
N PRO A 20 -3.32 -4.37 -1.14
CA PRO A 20 -2.93 -5.45 -0.26
C PRO A 20 -2.70 -4.96 1.17
N ALA A 21 -2.38 -3.68 1.27
CA ALA A 21 -2.13 -3.06 2.56
C ALA A 21 -3.33 -3.31 3.47
N ASP A 22 -4.48 -3.52 2.85
CA ASP A 22 -5.71 -3.78 3.60
C ASP A 22 -5.64 -5.17 4.22
N TRP A 23 -4.97 -6.07 3.50
CA TRP A 23 -4.82 -7.44 3.97
C TRP A 23 -3.83 -7.44 5.14
N VAL A 24 -2.68 -6.84 4.90
CA VAL A 24 -1.66 -6.76 5.92
C VAL A 24 -2.23 -6.09 7.18
N ILE A 25 -2.82 -4.92 6.96
CA ILE A 25 -3.40 -4.17 8.06
C ILE A 25 -4.52 -5.00 8.70
N SER A 26 -5.20 -5.77 7.86
CA SER A 26 -6.29 -6.61 8.33
C SER A 26 -5.73 -7.71 9.24
N ALA A 27 -4.64 -8.31 8.81
CA ALA A 27 -4.00 -9.36 9.57
C ALA A 27 -3.35 -8.76 10.82
N VAL A 28 -2.93 -7.52 10.70
CA VAL A 28 -2.31 -6.82 11.81
C VAL A 28 -3.31 -6.70 12.96
N ARG A 29 -4.48 -6.19 12.64
CA ARG A 29 -5.53 -6.02 13.62
C ARG A 29 -6.10 -7.38 14.04
N GLY A 30 -5.98 -8.33 13.14
CA GLY A 30 -6.47 -9.68 13.40
C GLY A 30 -5.53 -10.43 14.34
N PHE A 31 -4.25 -10.15 14.19
CA PHE A 31 -3.23 -10.79 15.02
C PHE A 31 -3.17 -10.14 16.41
N ILE A 32 -3.55 -8.87 16.44
CA ILE A 32 -3.54 -8.13 17.70
C ILE A 32 -4.41 -8.85 18.72
N HIS A 33 -5.55 -9.33 18.25
CA HIS A 33 -6.47 -10.04 19.12
C HIS A 33 -6.03 -11.51 19.24
N GLY A 34 -5.13 -11.90 18.35
CA GLY A 34 -4.63 -13.26 18.35
C GLY A 34 -3.10 -13.28 18.24
N VAL A 1 9.79 9.92 -8.74
CA VAL A 1 11.15 9.75 -8.26
C VAL A 1 12.13 9.88 -9.43
N PHE A 2 13.38 9.59 -9.15
CA PHE A 2 14.43 9.67 -10.16
C PHE A 2 14.51 8.36 -10.95
N HIS A 3 13.35 7.82 -11.28
CA HIS A 3 13.29 6.58 -12.04
C HIS A 3 11.83 6.27 -12.40
N ALA A 4 10.96 6.45 -11.42
CA ALA A 4 9.55 6.20 -11.63
C ALA A 4 8.93 7.39 -12.37
N TYR A 5 9.43 8.56 -12.07
CA TYR A 5 8.94 9.78 -12.70
C TYR A 5 7.41 9.82 -12.67
N SER A 6 6.88 10.86 -13.31
CA SER A 6 5.43 11.02 -13.37
C SER A 6 4.81 10.70 -12.01
N ALA A 7 4.67 11.74 -11.20
CA ALA A 7 4.09 11.58 -9.88
C ALA A 7 2.68 11.00 -10.01
N ARG A 8 2.00 11.42 -11.06
CA ARG A 8 0.64 10.96 -11.31
C ARG A 8 0.64 9.46 -11.58
N GLY A 9 1.82 8.93 -11.84
CA GLY A 9 1.97 7.51 -12.11
C GLY A 9 2.53 6.77 -10.90
N VAL A 10 3.39 7.47 -10.16
CA VAL A 10 4.01 6.89 -8.98
C VAL A 10 2.93 6.66 -7.92
N ARG A 11 2.15 7.71 -7.67
CA ARG A 11 1.09 7.64 -6.68
C ARG A 11 0.02 6.63 -7.13
N ASN A 12 -0.28 6.67 -8.42
CA ASN A 12 -1.28 5.77 -8.98
C ASN A 12 -0.85 4.33 -8.74
N ASN A 13 0.45 4.15 -8.53
CA ASN A 13 1.00 2.83 -8.28
C ASN A 13 0.99 2.55 -6.78
N TYR A 14 0.84 3.61 -6.02
CA TYR A 14 0.81 3.49 -4.56
C TYR A 14 -0.57 3.05 -4.08
N LYS A 15 -1.60 3.66 -4.65
CA LYS A 15 -2.97 3.33 -4.29
C LYS A 15 -3.20 1.85 -4.51
N SER A 16 -2.34 1.25 -5.31
CA SER A 16 -2.44 -0.17 -5.61
C SER A 16 -2.01 -1.00 -4.39
N ALA A 17 -0.84 -0.66 -3.89
CA ALA A 17 -0.30 -1.37 -2.73
C ALA A 17 -1.21 -1.13 -1.52
N VAL A 18 -2.10 -0.15 -1.68
CA VAL A 18 -3.03 0.18 -0.61
C VAL A 18 -4.16 -0.85 -0.58
N GLY A 19 -4.45 -1.40 -1.76
CA GLY A 19 -5.50 -2.39 -1.87
C GLY A 19 -5.24 -3.57 -0.93
N PRO A 20 -4.05 -4.21 -1.11
CA PRO A 20 -3.68 -5.35 -0.28
C PRO A 20 -3.27 -4.89 1.12
N ALA A 21 -2.83 -3.65 1.20
CA ALA A 21 -2.40 -3.07 2.47
C ALA A 21 -3.53 -3.24 3.49
N ASP A 22 -4.75 -3.34 2.99
CA ASP A 22 -5.91 -3.51 3.84
C ASP A 22 -5.90 -4.92 4.44
N TRP A 23 -5.38 -5.86 3.65
CA TRP A 23 -5.32 -7.24 4.09
C TRP A 23 -4.23 -7.35 5.15
N VAL A 24 -3.06 -6.85 4.81
CA VAL A 24 -1.93 -6.88 5.73
C VAL A 24 -2.32 -6.18 7.04
N ILE A 25 -2.81 -4.96 6.90
CA ILE A 25 -3.23 -4.19 8.05
C ILE A 25 -4.34 -4.93 8.79
N SER A 26 -5.17 -5.62 8.01
CA SER A 26 -6.27 -6.37 8.58
C SER A 26 -5.74 -7.53 9.41
N ALA A 27 -4.74 -8.21 8.86
CA ALA A 27 -4.12 -9.34 9.55
C ALA A 27 -3.32 -8.82 10.74
N VAL A 28 -2.81 -7.62 10.59
CA VAL A 28 -2.02 -7.00 11.66
C VAL A 28 -2.88 -6.82 12.89
N ARG A 29 -4.04 -6.19 12.68
CA ARG A 29 -4.96 -5.95 13.77
C ARG A 29 -5.60 -7.27 14.24
N GLY A 30 -5.67 -8.21 13.32
CA GLY A 30 -6.25 -9.51 13.61
C GLY A 30 -5.29 -10.36 14.44
N PHE A 31 -4.00 -10.19 14.17
CA PHE A 31 -2.98 -10.92 14.88
C PHE A 31 -2.72 -10.32 16.27
N ILE A 32 -2.99 -9.02 16.36
CA ILE A 32 -2.78 -8.30 17.60
C ILE A 32 -3.61 -8.97 18.71
N HIS A 33 -4.83 -9.34 18.35
CA HIS A 33 -5.73 -9.98 19.29
C HIS A 33 -5.41 -11.48 19.36
N GLY A 34 -4.63 -11.93 18.39
CA GLY A 34 -4.25 -13.33 18.32
C GLY A 34 -2.84 -13.54 18.87
N VAL A 1 18.00 11.44 -13.39
CA VAL A 1 16.62 11.01 -13.44
C VAL A 1 15.74 12.01 -12.69
N PHE A 2 14.69 11.47 -12.09
CA PHE A 2 13.76 12.30 -11.34
C PHE A 2 12.89 13.15 -12.27
N HIS A 3 12.84 12.71 -13.53
CA HIS A 3 12.05 13.42 -14.53
C HIS A 3 11.47 12.41 -15.52
N ALA A 4 12.32 11.50 -15.97
CA ALA A 4 11.91 10.48 -16.92
C ALA A 4 10.88 9.56 -16.26
N TYR A 5 10.88 9.59 -14.93
CA TYR A 5 9.95 8.77 -14.17
C TYR A 5 8.54 9.34 -14.22
N SER A 6 7.65 8.71 -13.48
CA SER A 6 6.26 9.14 -13.43
C SER A 6 5.69 8.91 -12.03
N ALA A 7 5.75 9.97 -11.22
CA ALA A 7 5.24 9.89 -9.86
C ALA A 7 3.75 9.56 -9.89
N ARG A 8 3.09 10.08 -10.91
CA ARG A 8 1.65 9.85 -11.08
C ARG A 8 1.38 8.37 -11.34
N GLY A 9 2.45 7.65 -11.64
CA GLY A 9 2.34 6.23 -11.92
C GLY A 9 2.84 5.40 -10.73
N VAL A 10 3.85 5.95 -10.06
CA VAL A 10 4.42 5.27 -8.90
C VAL A 10 3.38 5.22 -7.77
N ARG A 11 2.80 6.38 -7.50
CA ARG A 11 1.79 6.48 -6.45
C ARG A 11 0.55 5.67 -6.82
N ASN A 12 0.19 5.76 -8.09
CA ASN A 12 -0.98 5.04 -8.59
C ASN A 12 -0.78 3.54 -8.37
N ASN A 13 0.49 3.16 -8.23
CA ASN A 13 0.82 1.76 -8.02
C ASN A 13 0.85 1.48 -6.51
N TYR A 14 0.92 2.55 -5.74
CA TYR A 14 0.96 2.43 -4.29
C TYR A 14 -0.45 2.22 -3.73
N LYS A 15 -1.39 3.00 -4.23
CA LYS A 15 -2.76 2.91 -3.80
C LYS A 15 -3.27 1.48 -4.00
N SER A 16 -2.56 0.76 -4.85
CA SER A 16 -2.92 -0.62 -5.14
C SER A 16 -2.56 -1.52 -3.95
N ALA A 17 -1.32 -1.40 -3.51
CA ALA A 17 -0.84 -2.18 -2.38
C ALA A 17 -1.64 -1.81 -1.13
N VAL A 18 -2.36 -0.70 -1.24
CA VAL A 18 -3.16 -0.23 -0.12
C VAL A 18 -4.44 -1.06 -0.03
N GLY A 19 -4.89 -1.53 -1.17
CA GLY A 19 -6.09 -2.35 -1.23
C GLY A 19 -5.98 -3.55 -0.30
N PRO A 20 -4.92 -4.37 -0.55
CA PRO A 20 -4.69 -5.57 0.25
C PRO A 20 -4.14 -5.20 1.63
N ALA A 21 -3.49 -4.04 1.68
CA ALA A 21 -2.91 -3.56 2.92
C ALA A 21 -3.98 -3.55 4.01
N ASP A 22 -5.23 -3.44 3.58
CA ASP A 22 -6.35 -3.42 4.50
C ASP A 22 -6.54 -4.82 5.09
N TRP A 23 -6.23 -5.82 4.28
CA TRP A 23 -6.38 -7.20 4.70
C TRP A 23 -5.26 -7.49 5.72
N VAL A 24 -4.05 -7.19 5.30
CA VAL A 24 -2.89 -7.42 6.16
C VAL A 24 -3.08 -6.68 7.48
N ILE A 25 -3.38 -5.39 7.37
CA ILE A 25 -3.59 -4.57 8.55
C ILE A 25 -4.77 -5.12 9.35
N SER A 26 -5.74 -5.65 8.62
CA SER A 26 -6.91 -6.22 9.25
C SER A 26 -6.53 -7.47 10.06
N ALA A 27 -5.69 -8.29 9.45
CA ALA A 27 -5.25 -9.51 10.11
C ALA A 27 -4.29 -9.16 11.25
N VAL A 28 -3.60 -8.03 11.07
CA VAL A 28 -2.66 -7.57 12.08
C VAL A 28 -3.42 -7.26 13.37
N ARG A 29 -4.46 -6.46 13.23
CA ARG A 29 -5.27 -6.07 14.36
C ARG A 29 -6.08 -7.26 14.86
N GLY A 30 -6.36 -8.18 13.94
CA GLY A 30 -7.13 -9.37 14.27
C GLY A 30 -6.28 -10.37 15.06
N PHE A 31 -5.00 -10.41 14.71
CA PHE A 31 -4.08 -11.31 15.37
C PHE A 31 -3.64 -10.76 16.73
N ILE A 32 -3.68 -9.44 16.83
CA ILE A 32 -3.29 -8.77 18.06
C ILE A 32 -4.15 -9.29 19.21
N HIS A 33 -5.43 -9.46 18.92
CA HIS A 33 -6.37 -9.95 19.92
C HIS A 33 -6.31 -11.48 19.97
N GLY A 34 -5.67 -12.05 18.97
CA GLY A 34 -5.53 -13.50 18.88
C GLY A 34 -4.40 -13.99 19.78
N VAL A 1 15.32 15.27 -12.56
CA VAL A 1 14.78 14.16 -13.34
C VAL A 1 13.39 14.53 -13.85
N PHE A 2 12.88 13.70 -14.75
CA PHE A 2 11.57 13.92 -15.32
C PHE A 2 11.27 12.91 -16.42
N HIS A 3 11.71 11.68 -16.19
CA HIS A 3 11.49 10.61 -17.14
C HIS A 3 12.03 9.30 -16.58
N ALA A 4 13.17 9.41 -15.91
CA ALA A 4 13.80 8.25 -15.31
C ALA A 4 12.86 7.63 -14.28
N TYR A 5 11.88 8.42 -13.87
CA TYR A 5 10.91 7.98 -12.88
C TYR A 5 9.57 8.67 -13.09
N SER A 6 8.52 8.03 -12.57
CA SER A 6 7.18 8.58 -12.68
C SER A 6 6.50 8.58 -11.32
N ALA A 7 6.58 9.72 -10.66
CA ALA A 7 5.99 9.87 -9.34
C ALA A 7 4.48 9.61 -9.44
N ARG A 8 3.91 10.01 -10.57
CA ARG A 8 2.49 9.82 -10.80
C ARG A 8 2.16 8.34 -10.90
N GLY A 9 3.20 7.53 -11.02
CA GLY A 9 3.03 6.08 -11.10
C GLY A 9 3.51 5.40 -9.83
N VAL A 10 4.48 6.03 -9.18
CA VAL A 10 5.04 5.49 -7.95
C VAL A 10 3.98 5.56 -6.84
N ARG A 11 3.39 6.74 -6.70
CA ARG A 11 2.38 6.96 -5.68
C ARG A 11 1.13 6.13 -6.01
N ASN A 12 0.78 6.10 -7.29
CA ASN A 12 -0.37 5.35 -7.74
C ASN A 12 -0.16 3.86 -7.41
N ASN A 13 1.09 3.51 -7.22
CA ASN A 13 1.43 2.13 -6.91
C ASN A 13 1.46 1.94 -5.39
N TYR A 14 1.44 3.06 -4.69
CA TYR A 14 1.46 3.03 -3.23
C TYR A 14 0.06 2.76 -2.67
N LYS A 15 -0.90 3.51 -3.20
CA LYS A 15 -2.28 3.36 -2.75
C LYS A 15 -2.80 1.98 -3.15
N SER A 16 -2.07 1.35 -4.07
CA SER A 16 -2.45 0.04 -4.55
C SER A 16 -2.17 -1.01 -3.47
N ALA A 17 -0.91 -1.07 -3.05
CA ALA A 17 -0.51 -2.02 -2.03
C ALA A 17 -1.22 -1.68 -0.72
N VAL A 18 -1.80 -0.50 -0.69
CA VAL A 18 -2.52 -0.03 0.49
C VAL A 18 -3.89 -0.73 0.55
N GLY A 19 -4.42 -1.02 -0.63
CA GLY A 19 -5.72 -1.67 -0.72
C GLY A 19 -5.73 -2.97 0.08
N PRO A 20 -4.78 -3.88 -0.26
CA PRO A 20 -4.68 -5.16 0.42
C PRO A 20 -4.05 -5.00 1.80
N ALA A 21 -3.27 -3.93 1.94
CA ALA A 21 -2.60 -3.66 3.20
C ALA A 21 -3.65 -3.63 4.32
N ASP A 22 -4.87 -3.34 3.93
CA ASP A 22 -5.97 -3.28 4.89
C ASP A 22 -6.30 -4.69 5.38
N TRP A 23 -6.15 -5.64 4.46
CA TRP A 23 -6.43 -7.03 4.78
C TRP A 23 -5.31 -7.54 5.69
N VAL A 24 -4.09 -7.33 5.25
CA VAL A 24 -2.92 -7.75 6.01
C VAL A 24 -2.98 -7.14 7.41
N ILE A 25 -3.16 -5.83 7.43
CA ILE A 25 -3.23 -5.11 8.69
C ILE A 25 -4.47 -5.56 9.46
N SER A 26 -5.52 -5.88 8.70
CA SER A 26 -6.76 -6.33 9.30
C SER A 26 -6.57 -7.70 9.97
N ALA A 27 -5.76 -8.51 9.32
CA ALA A 27 -5.48 -9.85 9.84
C ALA A 27 -4.61 -9.74 11.09
N VAL A 28 -3.78 -8.70 11.11
CA VAL A 28 -2.90 -8.48 12.24
C VAL A 28 -3.72 -8.05 13.45
N ARG A 29 -4.54 -7.03 13.23
CA ARG A 29 -5.40 -6.52 14.30
C ARG A 29 -6.51 -7.51 14.60
N GLY A 30 -6.86 -8.31 13.60
CA GLY A 30 -7.90 -9.30 13.75
C GLY A 30 -7.43 -10.47 14.62
N PHE A 31 -6.16 -10.80 14.45
CA PHE A 31 -5.56 -11.89 15.21
C PHE A 31 -5.21 -11.45 16.64
N ILE A 32 -4.94 -10.16 16.76
CA ILE A 32 -4.58 -9.59 18.06
C ILE A 32 -5.70 -9.89 19.05
N HIS A 33 -6.93 -9.73 18.58
CA HIS A 33 -8.10 -9.98 19.41
C HIS A 33 -8.40 -11.48 19.46
N GLY A 34 -7.78 -12.20 18.54
CA GLY A 34 -7.97 -13.64 18.46
C GLY A 34 -7.51 -14.18 17.11
N VAL A 1 12.86 11.14 -6.44
CA VAL A 1 12.66 10.15 -7.49
C VAL A 1 13.67 10.42 -8.61
N PHE A 2 13.90 9.38 -9.40
CA PHE A 2 14.84 9.47 -10.51
C PHE A 2 14.71 8.27 -11.45
N HIS A 3 13.46 7.86 -11.67
CA HIS A 3 13.19 6.73 -12.54
C HIS A 3 11.67 6.54 -12.67
N ALA A 4 10.99 6.74 -11.55
CA ALA A 4 9.55 6.59 -11.53
C ALA A 4 8.90 7.80 -12.19
N TYR A 5 9.32 8.97 -11.76
CA TYR A 5 8.79 10.22 -12.31
C TYR A 5 7.26 10.19 -12.35
N SER A 6 6.70 11.18 -13.02
CA SER A 6 5.26 11.29 -13.14
C SER A 6 4.60 11.00 -11.79
N ALA A 7 4.37 12.06 -11.04
CA ALA A 7 3.75 11.93 -9.73
C ALA A 7 2.37 11.30 -9.89
N ARG A 8 1.72 11.64 -11.00
CA ARG A 8 0.40 11.12 -11.28
C ARG A 8 0.46 9.61 -11.51
N GLY A 9 1.67 9.12 -11.69
CA GLY A 9 1.88 7.70 -11.92
C GLY A 9 2.47 7.03 -10.67
N VAL A 10 3.26 7.81 -9.94
CA VAL A 10 3.89 7.29 -8.73
C VAL A 10 2.81 7.01 -7.68
N ARG A 11 1.95 8.00 -7.48
CA ARG A 11 0.88 7.88 -6.50
C ARG A 11 -0.13 6.83 -6.97
N ASN A 12 -0.41 6.84 -8.26
CA ASN A 12 -1.35 5.90 -8.84
C ASN A 12 -0.85 4.48 -8.60
N ASN A 13 0.45 4.37 -8.36
CA ASN A 13 1.06 3.08 -8.12
C ASN A 13 1.04 2.79 -6.61
N TYR A 14 0.82 3.84 -5.84
CA TYR A 14 0.78 3.71 -4.39
C TYR A 14 -0.59 3.20 -3.93
N LYS A 15 -1.63 3.76 -4.52
CA LYS A 15 -2.99 3.37 -4.18
C LYS A 15 -3.15 1.86 -4.41
N SER A 16 -2.24 1.32 -5.20
CA SER A 16 -2.28 -0.11 -5.50
C SER A 16 -1.82 -0.91 -4.29
N ALA A 17 -0.67 -0.52 -3.76
CA ALA A 17 -0.11 -1.20 -2.60
C ALA A 17 -1.06 -1.01 -1.40
N VAL A 18 -1.99 -0.09 -1.57
CA VAL A 18 -2.95 0.20 -0.52
C VAL A 18 -4.02 -0.88 -0.51
N GLY A 19 -4.27 -1.45 -1.69
CA GLY A 19 -5.26 -2.50 -1.81
C GLY A 19 -4.96 -3.66 -0.87
N PRO A 20 -3.74 -4.23 -1.04
CA PRO A 20 -3.32 -5.35 -0.21
C PRO A 20 -2.96 -4.87 1.21
N ALA A 21 -2.58 -3.61 1.30
CA ALA A 21 -2.21 -3.03 2.57
C ALA A 21 -3.35 -3.23 3.57
N ASP A 22 -4.54 -3.40 3.04
CA ASP A 22 -5.72 -3.60 3.87
C ASP A 22 -5.69 -5.02 4.43
N TRP A 23 -5.12 -5.93 3.67
CA TRP A 23 -5.01 -7.31 4.08
C TRP A 23 -3.97 -7.40 5.20
N VAL A 24 -2.80 -6.86 4.91
CA VAL A 24 -1.72 -6.87 5.89
C VAL A 24 -2.19 -6.20 7.18
N ILE A 25 -2.71 -4.99 7.03
CA ILE A 25 -3.21 -4.24 8.17
C ILE A 25 -4.32 -5.04 8.85
N SER A 26 -5.09 -5.74 8.03
CA SER A 26 -6.19 -6.54 8.55
C SER A 26 -5.65 -7.69 9.39
N ALA A 27 -4.61 -8.32 8.88
CA ALA A 27 -3.99 -9.44 9.58
C ALA A 27 -3.25 -8.93 10.81
N VAL A 28 -2.77 -7.69 10.69
CA VAL A 28 -2.04 -7.06 11.77
C VAL A 28 -2.96 -6.93 12.99
N ARG A 29 -4.13 -6.34 12.74
CA ARG A 29 -5.10 -6.14 13.80
C ARG A 29 -5.71 -7.48 14.22
N GLY A 30 -5.72 -8.41 13.28
CA GLY A 30 -6.26 -9.74 13.54
C GLY A 30 -5.31 -10.56 14.40
N PHE A 31 -4.02 -10.34 14.19
CA PHE A 31 -3.00 -11.05 14.94
C PHE A 31 -2.82 -10.46 16.33
N ILE A 32 -3.13 -9.17 16.43
CA ILE A 32 -3.00 -8.46 17.69
C ILE A 32 -3.85 -9.16 18.75
N HIS A 33 -5.04 -9.57 18.33
CA HIS A 33 -5.95 -10.26 19.24
C HIS A 33 -5.59 -11.75 19.30
N GLY A 34 -4.76 -12.16 18.36
CA GLY A 34 -4.34 -13.55 18.28
C GLY A 34 -4.60 -14.14 16.91
#